data_2Y2V
#
_entry.id   2Y2V
#
_cell.length_a   79.488
_cell.length_b   111.643
_cell.length_c   227.026
_cell.angle_alpha   90.00
_cell.angle_beta   90.00
_cell.angle_gamma   90.00
#
_symmetry.space_group_name_H-M   'P 21 21 21'
#
loop_
_entity.id
_entity.type
_entity.pdbx_description
1 polymer ACETYLCHOLINESTERASE
2 non-polymer 2-acetamido-2-deoxy-beta-D-glucopyranose
3 non-polymer DI(HYDROXYETHYL)ETHER
4 non-polymer 1-ETHOXY-2-(2-METHOXYETHOXY)ETHANE
5 non-polymer 2,5,8,11,14,17-HEXAOXANONADECAN-19-OL
6 non-polymer 2-ETHOXYETHANOL
7 water water
#
_entity_poly.entity_id   1
_entity_poly.type   'polypeptide(L)'
_entity_poly.pdbx_seq_one_letter_code
;EGREDPQLLVRVRGGQLRGIRLKAPGGPVSAFLGIPFAEPPVGSRRFMPPEPKRPWSGVLDATTFQNVCYQYVDTLYPGF
EGTEMWNPNRELSEDCLYLNVWTPYPRPASPTPVLIWIYGGGFYSGAASLDVYDGRFLAQVEGAVLVSMNYRVGTFGFLA
LPGSREAPGNVGLLDQRLALQWVQENIAAFGGDPMSVTLFGE(SGB)AGAASVGMHILSLPSRSLFHRAVLQSGTPNGPW
ATVSAGEARRRATLLARLVGCPPGGAGGNDTELIACLRTRPAQDLVDHEWHVLPQESIFRFSFVPVVDGDFLSDTPEALI
NTGDFQDLQVLVGVVKDEGSYFLVYGVPGFSKDNESLISRAQFLAGVRIGVPQASDLAAEAVVLHYTDWLHPEDPTHLRD
AMSAVVGDHNVVCPVAQLAGRLAAQGARVYAYIFEHRASTLTWPLWMGVPHGYEIEFIFGLPLDPSLNYTTEERIFAQRL
MKYWTNFARTGDPNDPRDSKSPQWPPYTTAAQQYVSLNLKPLEVRRGLRAQTCAFWNRFLPKLLSATATEAP
;
_entity_poly.pdbx_strand_id   A,B
#
# COMPACT_ATOMS: atom_id res chain seq x y z
N GLU A 1 -63.64 19.48 18.07
CA GLU A 1 -63.15 18.88 19.31
C GLU A 1 -64.36 18.30 20.05
N GLY A 2 -64.13 17.62 21.17
CA GLY A 2 -65.24 17.11 21.95
C GLY A 2 -65.22 15.61 22.13
N ARG A 3 -65.37 14.90 21.00
CA ARG A 3 -65.42 13.43 20.97
C ARG A 3 -64.14 12.82 20.39
N GLU A 4 -63.07 13.59 20.42
CA GLU A 4 -61.81 13.22 19.82
C GLU A 4 -60.91 12.68 20.90
N ASP A 5 -59.88 11.94 20.54
CA ASP A 5 -58.90 11.48 21.52
C ASP A 5 -58.15 12.67 22.07
N PRO A 6 -58.43 13.03 23.34
CA PRO A 6 -57.84 14.23 23.97
C PRO A 6 -56.32 14.20 23.96
N GLN A 7 -55.74 13.02 23.92
CA GLN A 7 -54.29 12.92 24.01
CA GLN A 7 -54.28 12.88 24.00
C GLN A 7 -53.58 13.09 22.65
N LEU A 8 -54.35 13.40 21.60
CA LEU A 8 -53.79 13.64 20.27
C LEU A 8 -53.92 15.09 19.78
N LEU A 9 -54.35 15.98 20.67
CA LEU A 9 -54.53 17.37 20.28
C LEU A 9 -53.39 18.18 20.83
N VAL A 10 -52.70 18.91 19.96
CA VAL A 10 -51.50 19.63 20.35
C VAL A 10 -51.45 20.97 19.63
N ARG A 11 -50.92 21.98 20.30
CA ARG A 11 -50.73 23.28 19.67
C ARG A 11 -49.25 23.57 19.47
N VAL A 12 -48.90 24.07 18.29
CA VAL A 12 -47.56 24.57 18.01
C VAL A 12 -47.66 26.03 17.53
N ARG A 13 -46.50 26.68 17.39
CA ARG A 13 -46.43 28.09 17.02
C ARG A 13 -47.35 28.50 15.87
N GLY A 14 -47.49 27.64 14.89
CA GLY A 14 -48.29 27.96 13.72
C GLY A 14 -49.77 27.64 13.84
N GLY A 15 -50.14 26.91 14.89
CA GLY A 15 -51.53 26.54 15.04
C GLY A 15 -51.77 25.23 15.76
N GLN A 16 -52.97 24.69 15.58
CA GLN A 16 -53.44 23.50 16.26
C GLN A 16 -53.32 22.25 15.39
N LEU A 17 -52.95 21.14 16.00
CA LEU A 17 -52.78 19.89 15.27
C LEU A 17 -53.56 18.74 15.88
N ARG A 18 -54.02 17.84 15.03
CA ARG A 18 -54.55 16.58 15.47
C ARG A 18 -53.68 15.45 14.93
N GLY A 19 -53.16 14.63 15.82
CA GLY A 19 -52.35 13.49 15.44
C GLY A 19 -53.08 12.16 15.49
N ILE A 20 -52.31 11.07 15.44
CA ILE A 20 -52.90 9.75 15.35
C ILE A 20 -52.29 8.72 16.32
N ARG A 21 -53.14 7.87 16.89
CA ARG A 21 -52.67 6.76 17.73
C ARG A 21 -52.22 5.65 16.80
N LEU A 22 -50.94 5.29 16.84
CA LEU A 22 -50.42 4.25 15.97
C LEU A 22 -50.09 3.00 16.77
N LYS A 23 -50.27 1.83 16.18
CA LYS A 23 -49.95 0.60 16.87
C LYS A 23 -48.50 0.20 16.62
N ALA A 24 -47.77 -0.01 17.71
CA ALA A 24 -46.45 -0.60 17.63
C ALA A 24 -46.51 -1.96 18.34
N PRO A 25 -45.54 -2.83 18.08
CA PRO A 25 -45.58 -4.19 18.63
C PRO A 25 -45.92 -4.21 20.12
N GLY A 26 -45.30 -3.34 20.90
CA GLY A 26 -45.48 -3.36 22.35
C GLY A 26 -46.46 -2.31 22.89
N GLY A 27 -47.25 -1.69 22.03
CA GLY A 27 -48.21 -0.70 22.46
C GLY A 27 -48.33 0.49 21.53
N PRO A 28 -49.17 1.47 21.90
CA PRO A 28 -49.49 2.62 21.05
C PRO A 28 -48.41 3.70 21.11
N VAL A 29 -48.29 4.49 20.05
CA VAL A 29 -47.46 5.69 20.04
C VAL A 29 -48.27 6.84 19.45
N SER A 30 -47.88 8.07 19.74
CA SER A 30 -48.51 9.24 19.12
C SER A 30 -47.71 9.64 17.88
N ALA A 31 -48.39 9.89 16.78
CA ALA A 31 -47.69 10.38 15.58
C ALA A 31 -48.36 11.63 15.04
N PHE A 32 -47.53 12.59 14.64
CA PHE A 32 -47.99 13.83 14.06
C PHE A 32 -47.26 14.04 12.74
N LEU A 33 -47.92 13.64 11.65
CA LEU A 33 -47.28 13.57 10.35
C LEU A 33 -47.72 14.71 9.45
N GLY A 34 -46.79 15.19 8.63
CA GLY A 34 -47.08 16.23 7.66
C GLY A 34 -47.32 17.61 8.25
N ILE A 35 -46.58 17.93 9.31
CA ILE A 35 -46.64 19.27 9.88
C ILE A 35 -45.82 20.22 9.03
N PRO A 36 -46.46 21.26 8.46
CA PRO A 36 -45.73 22.21 7.62
C PRO A 36 -44.77 23.02 8.47
N PHE A 37 -43.56 23.29 7.99
CA PHE A 37 -42.62 24.11 8.77
C PHE A 37 -42.09 25.30 7.97
N ALA A 38 -42.49 25.37 6.70
CA ALA A 38 -42.04 26.42 5.80
C ALA A 38 -43.16 26.76 4.85
N GLU A 39 -43.12 27.97 4.30
CA GLU A 39 -43.97 28.29 3.17
C GLU A 39 -43.55 27.41 2.01
N PRO A 40 -44.52 26.85 1.29
CA PRO A 40 -44.22 26.07 0.08
C PRO A 40 -43.18 26.77 -0.79
N PRO A 41 -42.06 26.10 -1.09
CA PRO A 41 -41.01 26.70 -1.91
C PRO A 41 -41.35 26.61 -3.39
N VAL A 42 -42.55 27.05 -3.75
CA VAL A 42 -43.03 26.93 -5.11
C VAL A 42 -43.00 28.26 -5.88
N GLY A 43 -43.19 28.17 -7.20
CA GLY A 43 -43.26 29.33 -8.05
C GLY A 43 -42.03 30.20 -7.91
N SER A 44 -42.23 31.47 -7.57
CA SER A 44 -41.12 32.42 -7.47
C SER A 44 -40.20 32.08 -6.31
N ARG A 45 -40.57 31.10 -5.49
CA ARG A 45 -39.74 30.70 -4.36
C ARG A 45 -38.79 29.54 -4.69
N ARG A 46 -38.94 28.97 -5.88
CA ARG A 46 -38.05 27.88 -6.28
C ARG A 46 -36.60 28.38 -6.28
N PHE A 47 -35.71 27.62 -5.66
CA PHE A 47 -34.27 27.93 -5.53
C PHE A 47 -33.97 28.86 -4.36
N MET A 48 -35.03 29.36 -3.74
CA MET A 48 -34.88 30.34 -2.67
C MET A 48 -34.82 29.70 -1.30
N PRO A 49 -34.13 30.36 -0.35
CA PRO A 49 -34.13 29.95 1.06
C PRO A 49 -35.55 29.90 1.56
N PRO A 50 -35.86 28.94 2.43
CA PRO A 50 -37.22 28.74 2.91
C PRO A 50 -37.60 29.88 3.85
N GLU A 51 -38.87 30.25 3.80
CA GLU A 51 -39.44 31.23 4.71
C GLU A 51 -40.34 30.42 5.65
N PRO A 52 -40.35 30.74 6.96
CA PRO A 52 -41.16 29.98 7.92
C PRO A 52 -42.65 29.94 7.58
N LYS A 53 -43.30 28.82 7.91
CA LYS A 53 -44.71 28.63 7.61
C LYS A 53 -45.55 29.63 8.39
N ARG A 54 -46.48 30.28 7.70
CA ARG A 54 -47.34 31.27 8.33
C ARG A 54 -48.45 30.53 9.04
N PRO A 55 -48.85 31.00 10.23
CA PRO A 55 -49.85 30.27 11.03
C PRO A 55 -51.12 29.99 10.25
N TRP A 56 -51.79 28.90 10.59
CA TRP A 56 -53.02 28.51 9.92
C TRP A 56 -54.18 28.62 10.90
N SER A 57 -55.41 28.49 10.41
CA SER A 57 -56.56 28.50 11.30
C SER A 57 -57.19 27.13 11.35
N GLY A 58 -57.73 26.79 12.51
CA GLY A 58 -58.41 25.52 12.68
C GLY A 58 -57.44 24.45 13.11
N VAL A 59 -57.92 23.22 13.14
CA VAL A 59 -57.07 22.10 13.52
C VAL A 59 -56.50 21.49 12.25
N LEU A 60 -55.20 21.66 12.07
CA LEU A 60 -54.51 21.01 10.97
C LEU A 60 -54.50 19.52 11.22
N ASP A 61 -54.94 18.75 10.25
CA ASP A 61 -54.89 17.32 10.39
C ASP A 61 -53.48 16.81 10.10
N ALA A 62 -52.89 16.13 11.08
CA ALA A 62 -51.51 15.67 11.02
C ALA A 62 -51.46 14.16 11.19
N THR A 63 -52.25 13.45 10.38
CA THR A 63 -52.40 11.99 10.50
C THR A 63 -51.86 11.19 9.32
N THR A 64 -51.32 11.88 8.32
CA THR A 64 -50.72 11.21 7.18
C THR A 64 -49.49 11.95 6.66
N PHE A 65 -48.55 11.18 6.14
CA PHE A 65 -47.38 11.76 5.51
C PHE A 65 -47.76 12.70 4.38
N GLN A 66 -47.00 13.78 4.27
CA GLN A 66 -47.18 14.76 3.21
C GLN A 66 -46.32 14.46 1.97
N ASN A 67 -46.46 15.29 0.94
CA ASN A 67 -45.75 15.10 -0.32
C ASN A 67 -44.26 14.84 -0.12
N VAL A 68 -43.70 14.08 -1.04
CA VAL A 68 -42.27 13.92 -1.14
C VAL A 68 -41.69 15.01 -2.04
N CYS A 69 -40.53 15.54 -1.69
CA CYS A 69 -39.93 16.61 -2.48
C CYS A 69 -39.64 16.12 -3.90
N TYR A 70 -39.89 16.98 -4.87
CA TYR A 70 -39.73 16.60 -6.27
C TYR A 70 -38.34 16.03 -6.55
N GLN A 71 -38.32 14.83 -7.15
CA GLN A 71 -37.05 14.14 -7.34
C GLN A 71 -37.07 13.08 -8.44
N TYR A 72 -35.86 12.71 -8.86
CA TYR A 72 -35.61 11.56 -9.71
C TYR A 72 -36.14 10.28 -9.07
N VAL A 73 -36.79 9.45 -9.89
CA VAL A 73 -37.36 8.19 -9.45
C VAL A 73 -36.57 7.03 -10.10
N ASP A 74 -36.07 6.12 -9.27
CA ASP A 74 -35.15 5.09 -9.75
C ASP A 74 -35.82 4.03 -10.63
N THR A 75 -35.11 3.59 -11.66
CA THR A 75 -35.67 2.69 -12.68
C THR A 75 -34.77 1.50 -13.02
N LEU A 76 -33.63 1.38 -12.33
CA LEU A 76 -32.66 0.35 -12.66
C LEU A 76 -33.27 -1.06 -12.62
N TYR A 77 -34.05 -1.35 -11.58
CA TYR A 77 -34.68 -2.66 -11.45
C TYR A 77 -36.13 -2.53 -11.05
N PRO A 78 -36.98 -2.19 -12.02
CA PRO A 78 -38.41 -1.96 -11.80
C PRO A 78 -39.11 -3.14 -11.10
N GLY A 79 -39.68 -2.90 -9.93
CA GLY A 79 -40.46 -3.92 -9.23
C GLY A 79 -39.71 -4.59 -8.09
N PHE A 80 -38.39 -4.41 -8.12
CA PHE A 80 -37.46 -5.04 -7.18
C PHE A 80 -37.42 -4.26 -5.87
N GLU A 81 -37.69 -4.93 -4.75
CA GLU A 81 -37.81 -4.24 -3.47
C GLU A 81 -36.51 -3.55 -3.04
N GLY A 82 -35.38 -4.11 -3.46
CA GLY A 82 -34.08 -3.58 -3.07
C GLY A 82 -33.90 -2.13 -3.47
N THR A 83 -34.47 -1.75 -4.62
CA THR A 83 -34.44 -0.37 -5.08
C THR A 83 -35.73 0.42 -4.75
N GLU A 84 -36.86 -0.28 -4.73
CA GLU A 84 -38.15 0.41 -4.56
C GLU A 84 -38.33 0.99 -3.17
N MET A 85 -37.77 0.32 -2.17
CA MET A 85 -37.89 0.77 -0.78
C MET A 85 -37.38 2.21 -0.61
N TRP A 86 -36.44 2.63 -1.45
CA TRP A 86 -35.89 3.97 -1.37
C TRP A 86 -36.67 4.99 -2.24
N ASN A 87 -37.59 4.51 -3.05
CA ASN A 87 -38.35 5.39 -3.94
C ASN A 87 -39.48 6.13 -3.23
N PRO A 88 -39.94 7.26 -3.78
CA PRO A 88 -41.02 8.03 -3.14
C PRO A 88 -42.25 7.19 -2.88
N ASN A 89 -42.86 7.36 -1.69
CA ASN A 89 -44.04 6.60 -1.32
C ASN A 89 -45.25 7.51 -1.11
N ARG A 90 -45.10 8.78 -1.49
N ARG A 90 -45.08 8.77 -1.49
CA ARG A 90 -46.23 9.71 -1.56
CA ARG A 90 -46.18 9.75 -1.53
C ARG A 90 -46.02 10.56 -2.79
C ARG A 90 -46.03 10.55 -2.82
N GLU A 91 -47.05 11.33 -3.14
CA GLU A 91 -47.00 12.17 -4.33
C GLU A 91 -45.78 13.11 -4.35
N LEU A 92 -45.18 13.23 -5.53
CA LEU A 92 -44.06 14.15 -5.72
C LEU A 92 -44.59 15.56 -5.86
N SER A 93 -43.91 16.51 -5.23
CA SER A 93 -44.32 17.89 -5.30
C SER A 93 -43.25 18.84 -4.77
N GLU A 94 -43.16 20.02 -5.38
CA GLU A 94 -42.29 21.07 -4.88
C GLU A 94 -42.79 21.57 -3.54
N ASP A 95 -44.07 21.32 -3.28
CA ASP A 95 -44.65 21.70 -2.00
C ASP A 95 -44.56 20.49 -1.08
N CYS A 96 -43.48 20.46 -0.31
CA CYS A 96 -43.04 19.23 0.35
C CYS A 96 -42.34 19.51 1.66
N LEU A 97 -42.25 20.78 2.04
CA LEU A 97 -41.57 21.14 3.29
C LEU A 97 -42.44 20.85 4.54
N TYR A 98 -42.51 19.58 4.92
CA TYR A 98 -43.27 19.14 6.08
C TYR A 98 -42.40 18.25 6.96
N LEU A 99 -42.75 18.11 8.23
CA LEU A 99 -41.99 17.22 9.11
C LEU A 99 -42.91 16.34 9.94
N ASN A 100 -42.32 15.36 10.61
CA ASN A 100 -43.05 14.31 11.31
C ASN A 100 -42.53 14.18 12.73
N VAL A 101 -43.41 13.81 13.66
CA VAL A 101 -43.06 13.64 15.06
C VAL A 101 -43.70 12.37 15.63
N TRP A 102 -42.90 11.51 16.26
CA TRP A 102 -43.43 10.36 16.98
C TRP A 102 -43.02 10.55 18.44
N THR A 103 -43.94 10.23 19.34
CA THR A 103 -43.67 10.31 20.76
C THR A 103 -44.42 9.18 21.40
N PRO A 104 -44.02 8.81 22.62
CA PRO A 104 -44.73 7.81 23.42
C PRO A 104 -46.21 8.15 23.55
N TYR A 105 -47.03 7.18 23.91
CA TYR A 105 -48.45 7.42 24.08
C TYR A 105 -48.91 6.78 25.37
N PRO A 106 -49.41 7.58 26.32
CA PRO A 106 -49.60 9.03 26.22
C PRO A 106 -48.25 9.72 26.14
N ARG A 107 -48.22 10.98 25.74
CA ARG A 107 -46.98 11.75 25.63
C ARG A 107 -46.25 11.76 26.96
N PRO A 108 -44.92 11.92 26.93
CA PRO A 108 -44.04 11.96 28.10
C PRO A 108 -44.45 12.98 29.17
N ALA A 109 -44.22 12.63 30.43
CA ALA A 109 -44.51 13.52 31.55
C ALA A 109 -43.35 14.49 31.81
N SER A 110 -42.13 13.99 31.73
CA SER A 110 -40.95 14.82 31.86
C SER A 110 -40.30 15.05 30.48
N PRO A 111 -39.47 16.10 30.36
CA PRO A 111 -38.84 16.43 29.07
C PRO A 111 -37.95 15.31 28.55
N THR A 112 -38.31 14.80 27.37
CA THR A 112 -37.61 13.67 26.76
C THR A 112 -36.62 14.10 25.65
N PRO A 113 -35.43 13.50 25.67
CA PRO A 113 -34.40 13.70 24.65
C PRO A 113 -34.93 13.41 23.24
N VAL A 114 -34.54 14.26 22.31
CA VAL A 114 -35.08 14.26 20.97
C VAL A 114 -34.05 13.72 19.97
N LEU A 115 -34.49 12.82 19.10
CA LEU A 115 -33.67 12.40 17.96
C LEU A 115 -34.25 13.06 16.72
N ILE A 116 -33.42 13.72 15.92
CA ILE A 116 -33.87 14.25 14.62
C ILE A 116 -33.20 13.51 13.48
N TRP A 117 -34.00 12.87 12.63
CA TRP A 117 -33.48 12.10 11.49
C TRP A 117 -33.37 12.93 10.22
N ILE A 118 -32.24 12.78 9.53
CA ILE A 118 -32.06 13.41 8.22
C ILE A 118 -31.73 12.34 7.20
N TYR A 119 -32.66 12.07 6.29
CA TYR A 119 -32.47 11.00 5.32
C TYR A 119 -31.38 11.31 4.30
N GLY A 120 -30.79 10.25 3.73
CA GLY A 120 -29.88 10.37 2.62
C GLY A 120 -30.57 10.14 1.28
N GLY A 121 -29.78 9.91 0.24
CA GLY A 121 -30.31 9.79 -1.12
C GLY A 121 -29.52 10.69 -2.07
N GLY A 122 -28.24 10.86 -1.75
CA GLY A 122 -27.31 11.60 -2.60
C GLY A 122 -27.60 13.08 -2.80
N PHE A 123 -28.45 13.67 -1.96
CA PHE A 123 -28.93 15.04 -2.15
C PHE A 123 -29.81 15.20 -3.39
N TYR A 124 -30.24 14.09 -4.00
CA TYR A 124 -31.09 14.15 -5.20
C TYR A 124 -32.40 13.36 -5.00
N SER A 125 -32.52 12.66 -3.89
CA SER A 125 -33.69 11.85 -3.60
C SER A 125 -33.84 11.68 -2.10
N GLY A 126 -34.90 10.99 -1.69
CA GLY A 126 -35.15 10.72 -0.29
C GLY A 126 -36.44 11.31 0.24
N ALA A 127 -36.84 10.86 1.42
CA ALA A 127 -38.13 11.23 1.98
C ALA A 127 -38.21 10.72 3.41
N ALA A 128 -38.85 11.50 4.28
CA ALA A 128 -38.88 11.14 5.69
C ALA A 128 -40.00 10.13 5.94
N SER A 129 -40.79 9.90 4.89
CA SER A 129 -41.96 9.02 5.01
C SER A 129 -41.67 7.55 4.64
N LEU A 130 -40.44 7.23 4.22
CA LEU A 130 -40.11 5.83 3.89
C LEU A 130 -40.28 4.88 5.07
N ASP A 131 -40.68 3.65 4.78
CA ASP A 131 -40.89 2.65 5.82
C ASP A 131 -39.67 2.44 6.72
N VAL A 132 -38.46 2.53 6.17
CA VAL A 132 -37.26 2.28 6.97
C VAL A 132 -36.97 3.41 7.94
N TYR A 133 -37.69 4.52 7.83
CA TYR A 133 -37.50 5.61 8.79
C TYR A 133 -38.64 5.70 9.81
N ASP A 134 -39.43 4.64 9.91
CA ASP A 134 -40.58 4.62 10.82
C ASP A 134 -40.19 4.77 12.30
N GLY A 135 -40.56 5.91 12.89
CA GLY A 135 -40.19 6.22 14.25
C GLY A 135 -40.99 5.54 15.36
N ARG A 136 -41.97 4.71 15.00
CA ARG A 136 -42.84 4.16 16.05
C ARG A 136 -42.09 3.28 17.04
N PHE A 137 -41.06 2.58 16.57
CA PHE A 137 -40.31 1.63 17.42
C PHE A 137 -39.40 2.31 18.45
N LEU A 138 -38.60 3.27 17.99
CA LEU A 138 -37.80 4.08 18.91
C LEU A 138 -38.68 4.82 19.94
N ALA A 139 -39.79 5.40 19.47
CA ALA A 139 -40.75 6.03 20.39
C ALA A 139 -41.29 5.04 21.43
N GLN A 140 -41.85 3.93 20.95
CA GLN A 140 -42.51 2.97 21.85
C GLN A 140 -41.54 2.26 22.79
N VAL A 141 -40.41 1.77 22.27
CA VAL A 141 -39.52 0.94 23.07
C VAL A 141 -38.57 1.75 23.95
N GLU A 142 -38.05 2.86 23.42
CA GLU A 142 -37.07 3.67 24.14
C GLU A 142 -37.65 4.96 24.71
N GLY A 143 -38.91 5.24 24.38
CA GLY A 143 -39.56 6.46 24.82
C GLY A 143 -38.99 7.72 24.19
N ALA A 144 -38.42 7.58 23.00
CA ALA A 144 -37.80 8.70 22.30
C ALA A 144 -38.83 9.65 21.71
N VAL A 145 -38.51 10.94 21.65
CA VAL A 145 -39.24 11.83 20.76
C VAL A 145 -38.46 11.89 19.45
N LEU A 146 -39.07 11.39 18.38
CA LEU A 146 -38.39 11.32 17.10
C LEU A 146 -39.00 12.29 16.08
N VAL A 147 -38.12 13.05 15.42
CA VAL A 147 -38.53 14.02 14.44
C VAL A 147 -37.79 13.78 13.14
N SER A 148 -38.49 13.87 12.02
CA SER A 148 -37.85 13.75 10.73
C SER A 148 -38.48 14.76 9.78
N MET A 149 -37.66 15.37 8.93
CA MET A 149 -38.17 16.40 8.02
C MET A 149 -37.89 16.08 6.55
N ASN A 150 -38.81 16.50 5.68
CA ASN A 150 -38.49 16.59 4.27
C ASN A 150 -37.59 17.81 4.02
N TYR A 151 -36.66 17.70 3.08
CA TYR A 151 -35.92 18.86 2.62
C TYR A 151 -35.72 18.74 1.12
N ARG A 152 -35.61 19.88 0.44
CA ARG A 152 -35.50 19.89 -1.01
C ARG A 152 -34.20 19.27 -1.49
N VAL A 153 -34.33 18.40 -2.49
CA VAL A 153 -33.17 17.75 -3.08
C VAL A 153 -33.05 18.12 -4.56
N GLY A 154 -31.95 17.72 -5.17
CA GLY A 154 -31.75 17.95 -6.59
C GLY A 154 -31.52 19.42 -6.89
N THR A 155 -31.96 19.85 -8.07
CA THR A 155 -31.88 21.25 -8.44
C THR A 155 -32.64 22.14 -7.44
N PHE A 156 -33.87 21.74 -7.11
CA PHE A 156 -34.72 22.51 -6.21
C PHE A 156 -34.03 22.80 -4.89
N GLY A 157 -33.19 21.87 -4.44
CA GLY A 157 -32.54 22.02 -3.16
C GLY A 157 -31.12 22.54 -3.23
N PHE A 158 -30.48 22.43 -4.39
CA PHE A 158 -29.04 22.64 -4.44
C PHE A 158 -28.49 23.32 -5.68
N LEU A 159 -29.32 23.55 -6.68
CA LEU A 159 -28.86 24.31 -7.82
C LEU A 159 -28.44 25.70 -7.35
N ALA A 160 -27.24 26.11 -7.72
CA ALA A 160 -26.69 27.35 -7.22
C ALA A 160 -25.97 28.17 -8.31
N LEU A 161 -26.22 29.47 -8.27
CA LEU A 161 -25.41 30.43 -9.00
C LEU A 161 -24.77 31.25 -7.92
N PRO A 162 -23.63 30.76 -7.42
CA PRO A 162 -23.01 31.33 -6.20
C PRO A 162 -22.87 32.83 -6.32
N GLY A 163 -23.30 33.55 -5.29
CA GLY A 163 -23.22 35.00 -5.28
C GLY A 163 -24.53 35.66 -5.61
N SER A 164 -25.34 35.02 -6.44
CA SER A 164 -26.64 35.57 -6.82
C SER A 164 -27.62 35.66 -5.64
N ARG A 165 -28.72 36.37 -5.87
CA ARG A 165 -29.71 36.55 -4.84
C ARG A 165 -30.77 35.46 -4.97
N GLU A 166 -31.03 35.07 -6.22
CA GLU A 166 -32.13 34.19 -6.56
C GLU A 166 -31.81 32.68 -6.52
N ALA A 167 -30.55 32.33 -6.25
CA ALA A 167 -30.11 30.94 -6.21
C ALA A 167 -28.78 30.86 -5.52
N PRO A 168 -28.77 31.12 -4.20
CA PRO A 168 -27.56 31.23 -3.37
C PRO A 168 -26.89 29.88 -3.13
N GLY A 169 -27.64 28.79 -3.31
CA GLY A 169 -27.15 27.47 -3.01
C GLY A 169 -27.48 27.01 -1.60
N ASN A 170 -27.39 25.69 -1.40
CA ASN A 170 -27.56 25.09 -0.08
C ASN A 170 -28.95 25.25 0.54
N VAL A 171 -29.95 25.65 -0.26
CA VAL A 171 -31.26 25.89 0.35
C VAL A 171 -31.90 24.62 0.95
N GLY A 172 -31.49 23.46 0.44
CA GLY A 172 -31.89 22.20 1.05
C GLY A 172 -31.42 22.07 2.48
N LEU A 173 -30.19 22.52 2.73
CA LEU A 173 -29.62 22.53 4.06
C LEU A 173 -30.32 23.55 4.97
N LEU A 174 -30.70 24.68 4.39
CA LEU A 174 -31.47 25.67 5.10
C LEU A 174 -32.85 25.12 5.48
N ASP A 175 -33.45 24.32 4.60
CA ASP A 175 -34.71 23.63 4.93
C ASP A 175 -34.52 22.80 6.21
N GLN A 176 -33.42 22.07 6.24
CA GLN A 176 -33.08 21.28 7.40
C GLN A 176 -32.94 22.18 8.63
N ARG A 177 -32.14 23.24 8.50
CA ARG A 177 -31.93 24.16 9.62
C ARG A 177 -33.25 24.76 10.14
N LEU A 178 -34.13 25.12 9.22
CA LEU A 178 -35.42 25.69 9.61
C LEU A 178 -36.19 24.69 10.47
N ALA A 179 -36.12 23.42 10.11
CA ALA A 179 -36.80 22.38 10.86
C ALA A 179 -36.12 22.12 12.23
N LEU A 180 -34.81 22.29 12.32
CA LEU A 180 -34.15 22.20 13.63
C LEU A 180 -34.62 23.34 14.54
N GLN A 181 -34.86 24.51 13.94
CA GLN A 181 -35.32 25.68 14.68
C GLN A 181 -36.75 25.43 15.16
N TRP A 182 -37.56 24.86 14.27
CA TRP A 182 -38.92 24.49 14.61
C TRP A 182 -38.95 23.58 15.83
N VAL A 183 -37.97 22.68 15.94
CA VAL A 183 -37.95 21.75 17.05
C VAL A 183 -37.60 22.49 18.34
N GLN A 184 -36.65 23.41 18.25
CA GLN A 184 -36.30 24.24 19.40
C GLN A 184 -37.51 24.96 19.98
N GLU A 185 -38.30 25.59 19.11
CA GLU A 185 -39.44 26.36 19.57
C GLU A 185 -40.64 25.51 20.02
N ASN A 186 -40.88 24.39 19.34
CA ASN A 186 -42.16 23.68 19.44
C ASN A 186 -42.13 22.27 20.07
N ILE A 187 -40.96 21.66 20.18
CA ILE A 187 -40.92 20.25 20.57
C ILE A 187 -41.37 20.02 22.02
N ALA A 188 -41.22 21.03 22.86
CA ALA A 188 -41.70 20.94 24.23
C ALA A 188 -43.22 20.66 24.29
N ALA A 189 -43.98 21.13 23.31
CA ALA A 189 -45.41 20.84 23.28
C ALA A 189 -45.70 19.34 23.24
N PHE A 190 -44.75 18.54 22.77
CA PHE A 190 -44.96 17.12 22.60
C PHE A 190 -44.31 16.35 23.74
N GLY A 191 -43.61 17.08 24.60
CA GLY A 191 -42.91 16.47 25.71
C GLY A 191 -41.43 16.28 25.41
N GLY A 192 -40.97 16.85 24.30
CA GLY A 192 -39.56 16.73 23.95
C GLY A 192 -38.69 17.81 24.58
N ASP A 193 -37.47 17.45 24.93
CA ASP A 193 -36.53 18.39 25.55
C ASP A 193 -35.68 19.10 24.51
N PRO A 194 -35.94 20.39 24.29
CA PRO A 194 -35.16 21.18 23.33
C PRO A 194 -33.69 21.28 23.69
N MET A 195 -33.35 20.94 24.93
CA MET A 195 -31.97 21.08 25.41
C MET A 195 -31.21 19.76 25.32
N SER A 196 -31.89 18.74 24.81
CA SER A 196 -31.25 17.49 24.46
C SER A 196 -31.69 17.03 23.07
N VAL A 197 -31.09 17.63 22.04
CA VAL A 197 -31.37 17.31 20.64
C VAL A 197 -30.17 16.69 19.93
N THR A 198 -30.33 15.44 19.47
CA THR A 198 -29.28 14.71 18.77
C THR A 198 -29.67 14.55 17.30
N LEU A 199 -28.82 15.03 16.39
CA LEU A 199 -29.02 14.77 14.97
C LEU A 199 -28.49 13.39 14.59
N PHE A 200 -29.24 12.67 13.76
CA PHE A 200 -28.68 11.49 13.09
C PHE A 200 -29.17 11.33 11.67
N GLY A 201 -28.33 10.76 10.83
CA GLY A 201 -28.63 10.59 9.42
C GLY A 201 -27.64 9.66 8.73
N GLU A 202 -28.01 9.23 7.53
CA GLU A 202 -27.22 8.24 6.84
C GLU A 202 -26.91 8.70 5.43
N ALA A 204 -26.01 10.86 2.59
CA ALA A 204 -26.07 12.33 2.47
C ALA A 204 -26.72 12.99 3.70
N GLY A 205 -27.60 12.25 4.39
CA GLY A 205 -28.14 12.69 5.66
C GLY A 205 -26.99 12.87 6.65
N ALA A 206 -26.11 11.87 6.71
CA ALA A 206 -24.90 11.94 7.50
C ALA A 206 -24.05 13.15 7.12
N ALA A 207 -23.86 13.39 5.82
CA ALA A 207 -23.09 14.53 5.39
C ALA A 207 -23.76 15.82 5.86
N SER A 208 -25.09 15.84 5.76
CA SER A 208 -25.90 16.97 6.21
C SER A 208 -25.65 17.26 7.68
N VAL A 209 -25.65 16.22 8.49
CA VAL A 209 -25.35 16.35 9.91
C VAL A 209 -23.97 16.98 10.07
N GLY A 210 -23.00 16.44 9.36
CA GLY A 210 -21.64 16.96 9.42
C GLY A 210 -21.58 18.43 9.08
N MET A 211 -22.41 18.86 8.16
CA MET A 211 -22.40 20.25 7.74
C MET A 211 -23.01 21.17 8.78
N HIS A 212 -23.99 20.66 9.51
CA HIS A 212 -24.58 21.41 10.60
C HIS A 212 -23.57 21.62 11.75
N ILE A 213 -22.75 20.61 12.00
CA ILE A 213 -21.63 20.74 12.90
C ILE A 213 -20.67 21.85 12.44
N LEU A 214 -20.46 21.95 11.13
CA LEU A 214 -19.47 22.88 10.58
C LEU A 214 -20.04 24.27 10.30
N SER A 215 -21.33 24.45 10.55
CA SER A 215 -21.94 25.74 10.28
C SER A 215 -22.49 26.32 11.58
N LEU A 216 -21.94 27.46 11.97
CA LEU A 216 -22.21 28.04 13.29
C LEU A 216 -23.67 28.24 13.63
N PRO A 217 -24.46 28.78 12.68
CA PRO A 217 -25.87 29.01 12.99
C PRO A 217 -26.65 27.71 13.31
N SER A 218 -26.20 26.57 12.82
CA SER A 218 -26.87 25.30 13.15
C SER A 218 -26.44 24.83 14.52
N ARG A 219 -25.25 25.24 14.94
CA ARG A 219 -24.62 24.71 16.13
C ARG A 219 -25.46 24.91 17.38
N SER A 220 -26.06 26.08 17.51
CA SER A 220 -26.92 26.37 18.65
C SER A 220 -28.20 25.55 18.66
N LEU A 221 -28.41 24.73 17.64
CA LEU A 221 -29.70 24.06 17.44
C LEU A 221 -29.72 22.59 17.81
N PHE A 222 -28.56 22.07 18.20
CA PHE A 222 -28.43 20.66 18.56
C PHE A 222 -27.22 20.44 19.47
N HIS A 223 -27.14 19.29 20.11
CA HIS A 223 -26.12 19.04 21.14
C HIS A 223 -25.20 17.85 20.85
N ARG A 224 -25.72 16.87 20.11
CA ARG A 224 -24.94 15.69 19.76
C ARG A 224 -25.25 15.24 18.32
N ALA A 225 -24.45 14.35 17.77
CA ALA A 225 -24.59 14.05 16.36
C ALA A 225 -24.11 12.66 15.99
N VAL A 226 -24.93 11.96 15.21
CA VAL A 226 -24.59 10.67 14.64
C VAL A 226 -24.48 10.74 13.11
N LEU A 227 -23.37 10.23 12.58
CA LEU A 227 -23.14 10.22 11.14
C LEU A 227 -22.92 8.78 10.67
N GLN A 228 -23.93 8.25 9.99
CA GLN A 228 -23.88 6.89 9.50
C GLN A 228 -23.50 6.88 8.01
N SER A 229 -22.37 6.25 7.71
CA SER A 229 -21.89 6.08 6.33
C SER A 229 -21.92 7.35 5.49
N GLY A 230 -21.43 8.44 6.04
CA GLY A 230 -21.40 9.68 5.29
C GLY A 230 -20.66 10.75 6.04
N THR A 231 -20.10 11.70 5.30
CA THR A 231 -19.29 12.75 5.91
C THR A 231 -19.44 14.02 5.08
N PRO A 232 -19.18 15.19 5.70
CA PRO A 232 -19.27 16.40 4.88
C PRO A 232 -17.99 16.54 4.05
N ASN A 233 -16.88 16.03 4.57
CA ASN A 233 -15.65 15.97 3.80
C ASN A 233 -15.77 14.82 2.81
N GLY A 234 -14.77 14.65 1.95
CA GLY A 234 -14.80 13.59 0.94
C GLY A 234 -15.17 14.07 -0.46
N PRO A 235 -15.25 13.16 -1.42
CA PRO A 235 -15.25 13.55 -2.83
C PRO A 235 -16.63 13.88 -3.43
N TRP A 236 -17.72 13.54 -2.75
CA TRP A 236 -19.05 13.69 -3.35
C TRP A 236 -19.99 14.69 -2.63
N ALA A 237 -19.73 15.00 -1.37
CA ALA A 237 -20.73 15.72 -0.56
C ALA A 237 -20.81 17.23 -0.85
N THR A 238 -19.77 17.79 -1.43
CA THR A 238 -19.79 19.21 -1.79
C THR A 238 -19.16 19.45 -3.17
N VAL A 239 -19.47 20.59 -3.77
CA VAL A 239 -18.76 21.04 -4.96
C VAL A 239 -18.31 22.49 -4.71
N SER A 240 -17.29 22.92 -5.43
CA SER A 240 -16.82 24.30 -5.31
C SER A 240 -17.84 25.25 -5.93
N ALA A 241 -17.72 26.53 -5.62
CA ALA A 241 -18.57 27.53 -6.25
C ALA A 241 -18.47 27.47 -7.77
N GLY A 242 -17.25 27.32 -8.28
CA GLY A 242 -17.04 27.27 -9.72
C GLY A 242 -17.76 26.11 -10.37
N GLU A 243 -17.59 24.92 -9.79
CA GLU A 243 -18.25 23.74 -10.31
C GLU A 243 -19.78 23.87 -10.18
N ALA A 244 -20.26 24.41 -9.06
CA ALA A 244 -21.71 24.61 -8.92
C ALA A 244 -22.23 25.51 -10.03
N ARG A 245 -21.54 26.63 -10.25
CA ARG A 245 -21.94 27.59 -11.28
C ARG A 245 -21.97 26.91 -12.64
N ARG A 246 -20.90 26.19 -12.95
CA ARG A 246 -20.79 25.47 -14.21
C ARG A 246 -21.94 24.49 -14.45
N ARG A 247 -22.21 23.61 -13.47
CA ARG A 247 -23.35 22.70 -13.58
C ARG A 247 -24.71 23.41 -13.69
N ALA A 248 -24.88 24.51 -12.96
CA ALA A 248 -26.16 25.23 -13.03
C ALA A 248 -26.39 25.81 -14.41
N THR A 249 -25.36 26.40 -15.01
CA THR A 249 -25.58 27.04 -16.31
C THR A 249 -25.73 25.98 -17.40
N LEU A 250 -25.00 24.88 -17.29
CA LEU A 250 -25.17 23.78 -18.24
C LEU A 250 -26.60 23.26 -18.22
N LEU A 251 -27.14 23.04 -17.02
CA LEU A 251 -28.49 22.50 -16.92
C LEU A 251 -29.52 23.48 -17.47
N ALA A 252 -29.36 24.77 -17.16
CA ALA A 252 -30.17 25.81 -17.80
C ALA A 252 -30.20 25.67 -19.32
N ARG A 253 -29.03 25.58 -19.95
N ARG A 253 -29.03 25.56 -19.95
CA ARG A 253 -28.96 25.36 -21.39
CA ARG A 253 -28.94 25.38 -21.39
C ARG A 253 -29.80 24.17 -21.84
C ARG A 253 -29.74 24.16 -21.88
N LEU A 254 -29.54 23.03 -21.23
CA LEU A 254 -30.24 21.79 -21.59
C LEU A 254 -31.77 21.90 -21.61
N VAL A 255 -32.33 22.84 -20.84
CA VAL A 255 -33.78 23.00 -20.79
C VAL A 255 -34.23 24.27 -21.50
N GLY A 256 -33.26 25.00 -22.04
CA GLY A 256 -33.54 26.12 -22.91
C GLY A 256 -33.63 27.46 -22.20
N CYS A 257 -32.51 27.92 -21.65
CA CYS A 257 -32.48 29.14 -20.88
C CYS A 257 -31.19 29.90 -21.14
N ASN A 265 -26.12 37.19 -17.13
CA ASN A 265 -26.92 37.77 -16.06
C ASN A 265 -27.72 36.70 -15.28
N ASP A 266 -27.37 36.52 -14.01
CA ASP A 266 -27.95 35.42 -13.25
C ASP A 266 -29.47 35.55 -13.14
N THR A 267 -29.93 36.74 -12.82
CA THR A 267 -31.36 37.00 -12.67
C THR A 267 -32.25 36.42 -13.78
N GLU A 268 -31.89 36.62 -15.04
CA GLU A 268 -32.72 36.13 -16.14
C GLU A 268 -32.63 34.62 -16.31
N LEU A 269 -31.41 34.08 -16.17
CA LEU A 269 -31.22 32.64 -16.23
C LEU A 269 -32.13 31.95 -15.21
N ILE A 270 -32.01 32.38 -13.95
CA ILE A 270 -32.81 31.84 -12.88
C ILE A 270 -34.29 32.04 -13.12
N ALA A 271 -34.65 33.19 -13.67
CA ALA A 271 -36.06 33.45 -13.90
C ALA A 271 -36.61 32.51 -14.97
N CYS A 272 -35.77 32.17 -15.93
CA CYS A 272 -36.17 31.21 -16.95
C CYS A 272 -36.34 29.84 -16.32
N LEU A 273 -35.34 29.42 -15.55
CA LEU A 273 -35.43 28.15 -14.83
C LEU A 273 -36.71 28.04 -14.01
N ARG A 274 -37.12 29.14 -13.36
CA ARG A 274 -38.34 29.11 -12.58
C ARG A 274 -39.60 28.90 -13.43
N THR A 275 -39.50 29.10 -14.75
CA THR A 275 -40.67 28.86 -15.61
C THR A 275 -40.77 27.40 -16.05
N ARG A 276 -39.72 26.63 -15.83
CA ARG A 276 -39.68 25.24 -16.24
C ARG A 276 -40.47 24.30 -15.32
N PRO A 277 -41.21 23.36 -15.91
CA PRO A 277 -41.93 22.35 -15.13
C PRO A 277 -40.92 21.58 -14.28
N ALA A 278 -41.28 21.19 -13.06
CA ALA A 278 -40.34 20.48 -12.22
C ALA A 278 -39.72 19.29 -12.96
N GLN A 279 -40.56 18.55 -13.67
CA GLN A 279 -40.12 17.33 -14.32
C GLN A 279 -39.04 17.56 -15.37
N ASP A 280 -39.03 18.74 -15.98
CA ASP A 280 -38.03 19.01 -17.00
C ASP A 280 -36.66 19.13 -16.38
N LEU A 281 -36.59 19.72 -15.18
CA LEU A 281 -35.31 19.85 -14.49
C LEU A 281 -34.81 18.47 -14.10
N VAL A 282 -35.69 17.65 -13.55
CA VAL A 282 -35.33 16.28 -13.20
C VAL A 282 -34.82 15.50 -14.43
N ASP A 283 -35.51 15.66 -15.57
CA ASP A 283 -35.13 14.94 -16.78
C ASP A 283 -33.70 15.24 -17.28
N HIS A 284 -33.14 16.39 -16.90
CA HIS A 284 -31.76 16.69 -17.32
C HIS A 284 -30.73 16.70 -16.20
N GLU A 285 -31.17 16.43 -14.98
CA GLU A 285 -30.26 16.62 -13.86
C GLU A 285 -28.99 15.74 -13.89
N TRP A 286 -29.07 14.56 -14.51
CA TRP A 286 -27.89 13.68 -14.58
C TRP A 286 -26.95 13.99 -15.75
N HIS A 287 -27.31 14.97 -16.58
CA HIS A 287 -26.54 15.27 -17.77
C HIS A 287 -25.46 16.32 -17.58
N VAL A 288 -25.21 16.74 -16.33
CA VAL A 288 -24.26 17.82 -16.12
C VAL A 288 -22.99 17.41 -15.40
N LEU A 289 -22.89 16.13 -15.03
CA LEU A 289 -21.68 15.62 -14.36
C LEU A 289 -20.47 15.66 -15.30
N PRO A 290 -19.30 16.05 -14.77
CA PRO A 290 -18.10 16.30 -15.57
C PRO A 290 -17.55 15.04 -16.22
N GLN A 291 -17.59 13.92 -15.50
CA GLN A 291 -17.15 12.64 -16.04
C GLN A 291 -18.20 11.55 -15.84
N GLU A 292 -18.08 10.48 -16.61
CA GLU A 292 -18.79 9.25 -16.36
C GLU A 292 -18.39 8.81 -14.96
N SER A 293 -19.37 8.49 -14.12
CA SER A 293 -19.04 8.22 -12.72
C SER A 293 -20.08 7.41 -11.98
N ILE A 294 -19.68 6.85 -10.85
CA ILE A 294 -20.64 6.43 -9.83
C ILE A 294 -20.35 7.17 -8.50
N PHE A 295 -21.31 7.17 -7.59
CA PHE A 295 -21.17 7.89 -6.32
C PHE A 295 -20.84 9.37 -6.53
N ARG A 296 -21.45 9.96 -7.56
CA ARG A 296 -21.37 11.39 -7.79
C ARG A 296 -22.77 11.91 -8.08
N PHE A 297 -23.07 13.10 -7.58
CA PHE A 297 -24.42 13.63 -7.70
C PHE A 297 -24.34 15.05 -8.15
N SER A 298 -25.26 15.44 -9.03
CA SER A 298 -25.13 16.69 -9.75
C SER A 298 -25.23 17.93 -8.88
N PHE A 299 -26.19 17.90 -7.95
CA PHE A 299 -26.47 19.08 -7.13
C PHE A 299 -26.46 18.74 -5.66
N VAL A 300 -25.36 19.13 -5.05
CA VAL A 300 -25.08 18.88 -3.65
C VAL A 300 -24.71 20.20 -2.96
N PRO A 301 -24.48 20.16 -1.63
CA PRO A 301 -24.05 21.42 -1.00
C PRO A 301 -22.82 22.02 -1.68
N VAL A 302 -22.89 23.33 -1.85
CA VAL A 302 -21.79 24.07 -2.43
C VAL A 302 -21.02 24.84 -1.36
N VAL A 303 -19.71 24.97 -1.56
CA VAL A 303 -18.88 25.79 -0.69
C VAL A 303 -19.10 27.27 -1.01
N ASP A 304 -20.09 27.86 -0.34
CA ASP A 304 -20.57 29.20 -0.69
C ASP A 304 -19.83 30.32 0.04
N GLY A 305 -18.95 29.96 0.97
CA GLY A 305 -18.35 30.93 1.85
C GLY A 305 -19.37 31.61 2.76
N ASP A 306 -20.49 30.92 3.02
CA ASP A 306 -21.55 31.44 3.89
C ASP A 306 -22.03 30.33 4.84
N PHE A 307 -23.00 29.52 4.40
CA PHE A 307 -23.33 28.30 5.14
C PHE A 307 -22.03 27.52 5.39
N LEU A 308 -21.21 27.42 4.37
CA LEU A 308 -19.92 26.74 4.50
C LEU A 308 -18.82 27.75 4.26
N SER A 309 -18.20 28.23 5.34
CA SER A 309 -17.24 29.31 5.25
C SER A 309 -16.01 28.92 4.43
N ASP A 310 -15.72 27.62 4.41
CA ASP A 310 -14.60 27.07 3.68
C ASP A 310 -14.91 25.58 3.38
N THR A 311 -13.98 24.86 2.76
CA THR A 311 -14.20 23.46 2.45
C THR A 311 -14.33 22.68 3.74
N PRO A 312 -15.14 21.61 3.74
CA PRO A 312 -15.23 20.80 4.96
C PRO A 312 -13.86 20.33 5.42
N GLU A 313 -12.97 20.00 4.48
CA GLU A 313 -11.62 19.58 4.83
C GLU A 313 -10.94 20.64 5.70
N ALA A 314 -10.97 21.88 5.23
CA ALA A 314 -10.38 23.00 5.96
C ALA A 314 -11.04 23.18 7.31
N LEU A 315 -12.38 23.19 7.33
CA LEU A 315 -13.14 23.36 8.57
C LEU A 315 -12.91 22.28 9.64
N ILE A 316 -12.79 21.02 9.23
CA ILE A 316 -12.54 19.97 10.22
C ILE A 316 -11.08 19.94 10.66
N ASN A 317 -10.18 20.28 9.73
CA ASN A 317 -8.75 20.29 10.02
C ASN A 317 -8.37 21.30 11.08
N THR A 318 -9.21 22.31 11.26
CA THR A 318 -8.82 23.47 12.06
C THR A 318 -9.84 23.88 13.11
N GLY A 319 -10.98 23.21 13.14
CA GLY A 319 -12.04 23.61 14.05
C GLY A 319 -11.84 23.18 15.48
N ASP A 320 -12.46 23.91 16.39
CA ASP A 320 -12.47 23.54 17.80
C ASP A 320 -13.74 22.72 18.07
N PHE A 321 -13.57 21.46 18.48
CA PHE A 321 -14.71 20.59 18.71
C PHE A 321 -14.76 20.04 20.14
N GLN A 322 -14.38 20.86 21.11
CA GLN A 322 -14.29 20.41 22.50
C GLN A 322 -15.64 19.98 23.07
N ASP A 323 -16.69 20.70 22.70
CA ASP A 323 -18.03 20.45 23.24
C ASP A 323 -18.78 19.33 22.52
N LEU A 324 -18.13 18.67 21.56
CA LEU A 324 -18.85 17.79 20.66
C LEU A 324 -18.78 16.30 21.00
N GLN A 325 -19.94 15.65 21.03
CA GLN A 325 -19.95 14.20 21.08
C GLN A 325 -20.57 13.64 19.80
N VAL A 326 -19.82 12.77 19.13
CA VAL A 326 -20.23 12.24 17.84
C VAL A 326 -20.13 10.74 17.81
N LEU A 327 -21.12 10.11 17.20
CA LEU A 327 -21.05 8.70 16.88
C LEU A 327 -20.96 8.58 15.35
N VAL A 328 -20.00 7.79 14.86
CA VAL A 328 -19.77 7.66 13.41
C VAL A 328 -19.45 6.22 13.08
N GLY A 329 -19.79 5.79 11.87
CA GLY A 329 -19.48 4.43 11.47
C GLY A 329 -19.83 4.10 10.03
N VAL A 330 -19.56 2.86 9.65
CA VAL A 330 -19.72 2.43 8.27
C VAL A 330 -20.31 1.04 8.27
N VAL A 331 -20.81 0.61 7.11
CA VAL A 331 -21.22 -0.79 6.94
C VAL A 331 -20.04 -1.54 6.28
N LYS A 332 -20.11 -2.87 6.30
CA LYS A 332 -19.00 -3.68 5.84
C LYS A 332 -18.66 -3.51 4.36
N ASP A 333 -19.68 -3.36 3.52
CA ASP A 333 -19.50 -3.20 2.07
C ASP A 333 -20.13 -1.92 1.52
N GLU A 334 -19.54 -0.78 1.86
CA GLU A 334 -20.06 0.51 1.45
C GLU A 334 -20.19 0.60 -0.06
N GLY A 335 -19.24 0.04 -0.80
CA GLY A 335 -19.18 0.22 -2.23
C GLY A 335 -20.04 -0.65 -3.15
N SER A 336 -20.44 -1.84 -2.70
CA SER A 336 -21.07 -2.81 -3.60
C SER A 336 -22.32 -2.32 -4.35
N TYR A 337 -23.18 -1.63 -3.63
N TYR A 337 -23.20 -1.62 -3.66
CA TYR A 337 -24.44 -1.09 -4.13
CA TYR A 337 -24.47 -1.21 -4.26
C TYR A 337 -24.23 -0.28 -5.41
C TYR A 337 -24.34 -0.15 -5.37
N PHE A 338 -23.27 0.62 -5.36
CA PHE A 338 -23.05 1.60 -6.42
C PHE A 338 -22.56 1.03 -7.76
N LEU A 339 -21.94 -0.15 -7.72
CA LEU A 339 -21.34 -0.75 -8.91
C LEU A 339 -22.34 -1.12 -10.02
N VAL A 340 -23.54 -1.53 -9.65
CA VAL A 340 -24.56 -1.88 -10.63
C VAL A 340 -25.19 -0.64 -11.28
N TYR A 341 -24.82 0.53 -10.78
CA TYR A 341 -25.35 1.77 -11.33
C TYR A 341 -24.40 2.43 -12.30
N GLY A 342 -23.53 1.66 -12.94
CA GLY A 342 -22.67 2.24 -13.95
C GLY A 342 -21.30 1.61 -14.20
N VAL A 343 -20.94 0.55 -13.49
CA VAL A 343 -19.69 -0.13 -13.82
C VAL A 343 -19.96 -1.40 -14.63
N PRO A 344 -19.45 -1.43 -15.87
CA PRO A 344 -19.76 -2.57 -16.74
C PRO A 344 -19.24 -3.89 -16.15
N GLY A 345 -20.05 -4.94 -16.18
CA GLY A 345 -19.67 -6.22 -15.61
C GLY A 345 -20.43 -6.49 -14.32
N PHE A 346 -20.98 -5.42 -13.74
CA PHE A 346 -21.71 -5.58 -12.48
C PHE A 346 -23.23 -5.63 -12.67
N SER A 347 -23.84 -6.57 -11.96
CA SER A 347 -25.29 -6.77 -11.98
C SER A 347 -25.79 -7.34 -10.66
N LYS A 348 -27.04 -7.08 -10.32
CA LYS A 348 -27.63 -7.73 -9.17
C LYS A 348 -28.02 -9.15 -9.50
N ASP A 349 -28.14 -9.45 -10.80
CA ASP A 349 -28.67 -10.75 -11.23
C ASP A 349 -27.64 -11.86 -11.47
N ASN A 350 -26.36 -11.55 -11.34
CA ASN A 350 -25.33 -12.58 -11.41
C ASN A 350 -24.19 -12.26 -10.47
N GLU A 351 -23.20 -13.14 -10.47
CA GLU A 351 -22.07 -13.04 -9.54
C GLU A 351 -21.16 -11.82 -9.79
N SER A 352 -21.28 -11.21 -10.95
CA SER A 352 -20.48 -10.04 -11.27
C SER A 352 -18.99 -10.29 -11.13
N LEU A 353 -18.55 -11.50 -11.43
CA LEU A 353 -17.12 -11.75 -11.55
C LEU A 353 -16.65 -10.96 -12.77
N ILE A 354 -15.54 -10.26 -12.64
CA ILE A 354 -15.09 -9.39 -13.71
C ILE A 354 -13.64 -9.63 -14.05
N SER A 355 -13.22 -9.09 -15.18
CA SER A 355 -11.87 -9.26 -15.66
C SER A 355 -10.99 -8.12 -15.17
N ARG A 356 -9.68 -8.28 -15.36
CA ARG A 356 -8.76 -7.25 -14.97
C ARG A 356 -9.02 -6.00 -15.79
N ALA A 357 -9.48 -6.19 -17.03
CA ALA A 357 -9.76 -5.05 -17.89
C ALA A 357 -10.94 -4.27 -17.34
N GLN A 358 -11.99 -4.99 -16.97
CA GLN A 358 -13.18 -4.35 -16.43
C GLN A 358 -12.85 -3.63 -15.13
N PHE A 359 -11.90 -4.17 -14.37
CA PHE A 359 -11.46 -3.54 -13.13
C PHE A 359 -10.77 -2.19 -13.37
N LEU A 360 -9.79 -2.18 -14.27
CA LEU A 360 -9.17 -0.92 -14.67
C LEU A 360 -10.22 0.08 -15.16
N ALA A 361 -11.15 -0.35 -16.01
CA ALA A 361 -12.21 0.55 -16.46
C ALA A 361 -13.09 1.01 -15.29
N GLY A 362 -13.42 0.09 -14.39
CA GLY A 362 -14.22 0.39 -13.23
C GLY A 362 -13.57 1.45 -12.35
N VAL A 363 -12.25 1.39 -12.23
CA VAL A 363 -11.54 2.36 -11.43
C VAL A 363 -11.67 3.78 -11.96
N ARG A 364 -11.59 3.97 -13.28
CA ARG A 364 -11.75 5.31 -13.87
C ARG A 364 -13.13 5.89 -13.59
N ILE A 365 -14.14 5.03 -13.56
CA ILE A 365 -15.51 5.46 -13.33
C ILE A 365 -15.74 5.67 -11.84
N GLY A 366 -15.09 4.84 -11.02
CA GLY A 366 -15.22 4.90 -9.58
C GLY A 366 -14.46 6.05 -8.96
N VAL A 367 -13.31 6.39 -9.56
CA VAL A 367 -12.54 7.54 -9.13
C VAL A 367 -12.47 8.48 -10.31
N PRO A 368 -13.59 9.14 -10.63
CA PRO A 368 -13.74 9.86 -11.89
C PRO A 368 -12.81 11.06 -12.02
N GLN A 369 -12.31 11.55 -10.89
CA GLN A 369 -11.49 12.75 -10.89
C GLN A 369 -9.99 12.45 -10.97
N ALA A 370 -9.62 11.18 -10.94
CA ALA A 370 -8.21 10.79 -10.94
C ALA A 370 -7.51 10.93 -12.28
N SER A 371 -6.28 11.46 -12.23
CA SER A 371 -5.39 11.44 -13.38
C SER A 371 -5.05 10.00 -13.74
N ASP A 372 -4.34 9.82 -14.83
CA ASP A 372 -3.90 8.49 -15.25
C ASP A 372 -2.98 7.85 -14.21
N LEU A 373 -2.05 8.64 -13.68
CA LEU A 373 -1.11 8.15 -12.70
C LEU A 373 -1.86 7.76 -11.41
N ALA A 374 -2.71 8.66 -10.92
CA ALA A 374 -3.46 8.40 -9.69
C ALA A 374 -4.28 7.11 -9.79
N ALA A 375 -4.90 6.90 -10.94
CA ALA A 375 -5.68 5.70 -11.15
C ALA A 375 -4.81 4.45 -11.14
N GLU A 376 -3.63 4.51 -11.75
CA GLU A 376 -2.69 3.38 -11.69
CA GLU A 376 -2.70 3.38 -11.70
C GLU A 376 -2.28 3.11 -10.26
N ALA A 377 -2.06 4.17 -9.48
CA ALA A 377 -1.77 3.99 -8.07
C ALA A 377 -2.89 3.20 -7.40
N VAL A 378 -4.13 3.54 -7.72
CA VAL A 378 -5.26 2.86 -7.12
C VAL A 378 -5.25 1.37 -7.49
N VAL A 379 -5.07 1.10 -8.77
CA VAL A 379 -5.07 -0.26 -9.28
C VAL A 379 -3.92 -1.08 -8.69
N LEU A 380 -2.79 -0.42 -8.50
CA LEU A 380 -1.62 -1.04 -7.88
C LEU A 380 -1.90 -1.42 -6.43
N HIS A 381 -2.50 -0.50 -5.68
CA HIS A 381 -2.79 -0.75 -4.27
C HIS A 381 -3.79 -1.87 -4.05
N TYR A 382 -4.82 -1.92 -4.90
CA TYR A 382 -5.93 -2.84 -4.67
C TYR A 382 -5.73 -4.19 -5.33
N THR A 383 -4.84 -4.25 -6.31
CA THR A 383 -4.56 -5.52 -6.97
C THR A 383 -3.99 -6.48 -5.96
N ASP A 384 -4.40 -7.73 -6.05
CA ASP A 384 -3.79 -8.80 -5.28
C ASP A 384 -2.70 -9.45 -6.13
N TRP A 385 -1.44 -9.15 -5.85
CA TRP A 385 -0.37 -9.53 -6.77
C TRP A 385 -0.03 -11.02 -6.74
N LEU A 386 -0.62 -11.75 -5.80
CA LEU A 386 -0.60 -13.20 -5.86
C LEU A 386 -1.64 -13.75 -6.84
N HIS A 387 -2.69 -12.97 -7.10
CA HIS A 387 -3.78 -13.43 -7.97
C HIS A 387 -4.36 -12.30 -8.81
N PRO A 388 -3.49 -11.59 -9.55
CA PRO A 388 -3.81 -10.35 -10.28
C PRO A 388 -5.03 -10.44 -11.18
N GLU A 389 -5.42 -11.66 -11.57
CA GLU A 389 -6.43 -11.85 -12.61
C GLU A 389 -7.67 -12.54 -12.09
N ASP A 390 -7.65 -12.89 -10.81
CA ASP A 390 -8.79 -13.56 -10.18
C ASP A 390 -10.07 -12.70 -10.19
N PRO A 391 -11.12 -13.17 -10.87
CA PRO A 391 -12.35 -12.39 -11.07
C PRO A 391 -13.08 -12.10 -9.76
N THR A 392 -12.97 -12.99 -8.76
CA THR A 392 -13.63 -12.76 -7.48
C THR A 392 -12.91 -11.65 -6.72
N HIS A 393 -11.59 -11.74 -6.63
N HIS A 393 -11.59 -11.75 -6.65
CA HIS A 393 -10.85 -10.69 -5.94
CA HIS A 393 -10.75 -10.75 -6.00
C HIS A 393 -11.13 -9.36 -6.61
C HIS A 393 -10.98 -9.38 -6.61
N LEU A 394 -11.04 -9.34 -7.94
CA LEU A 394 -11.26 -8.11 -8.69
C LEU A 394 -12.66 -7.51 -8.47
N ARG A 395 -13.68 -8.34 -8.52
CA ARG A 395 -15.03 -7.90 -8.17
C ARG A 395 -15.01 -7.19 -6.80
N ASP A 396 -14.50 -7.87 -5.79
CA ASP A 396 -14.51 -7.35 -4.43
C ASP A 396 -13.58 -6.15 -4.28
N ALA A 397 -12.52 -6.10 -5.06
CA ALA A 397 -11.60 -4.98 -4.95
C ALA A 397 -12.22 -3.72 -5.54
N MET A 398 -12.99 -3.90 -6.62
CA MET A 398 -13.72 -2.80 -7.22
C MET A 398 -14.69 -2.22 -6.18
N SER A 399 -15.39 -3.09 -5.46
CA SER A 399 -16.27 -2.64 -4.39
C SER A 399 -15.51 -1.81 -3.35
N ALA A 400 -14.39 -2.36 -2.88
CA ALA A 400 -13.57 -1.73 -1.85
C ALA A 400 -13.06 -0.36 -2.28
N VAL A 401 -12.67 -0.24 -3.55
CA VAL A 401 -12.22 1.05 -4.08
C VAL A 401 -13.30 2.12 -3.87
N VAL A 402 -14.51 1.79 -4.30
CA VAL A 402 -15.61 2.71 -4.21
C VAL A 402 -16.01 2.98 -2.76
N GLY A 403 -16.07 1.93 -1.96
CA GLY A 403 -16.41 2.08 -0.55
C GLY A 403 -15.38 2.90 0.22
N ASP A 404 -14.10 2.64 -0.04
CA ASP A 404 -13.02 3.30 0.69
C ASP A 404 -12.93 4.77 0.30
N HIS A 405 -12.99 5.03 -0.99
CA HIS A 405 -12.80 6.37 -1.51
C HIS A 405 -13.95 7.29 -1.08
N ASN A 406 -15.17 6.74 -1.05
CA ASN A 406 -16.35 7.56 -0.84
C ASN A 406 -16.84 7.63 0.60
N VAL A 407 -16.58 6.59 1.37
CA VAL A 407 -17.17 6.48 2.71
C VAL A 407 -16.16 6.16 3.80
N VAL A 408 -15.55 4.98 3.74
CA VAL A 408 -14.72 4.49 4.83
C VAL A 408 -13.55 5.41 5.15
N CYS A 409 -12.88 5.93 4.13
CA CYS A 409 -11.73 6.78 4.39
C CYS A 409 -12.13 8.22 4.73
N PRO A 410 -13.15 8.77 4.06
CA PRO A 410 -13.62 10.06 4.55
C PRO A 410 -14.10 9.98 6.00
N VAL A 411 -14.73 8.88 6.37
CA VAL A 411 -15.11 8.70 7.77
C VAL A 411 -13.85 8.64 8.65
N ALA A 412 -12.87 7.84 8.25
CA ALA A 412 -11.60 7.76 8.98
C ALA A 412 -10.96 9.14 9.21
N GLN A 413 -10.87 9.96 8.15
N GLN A 413 -10.85 9.96 8.15
CA GLN A 413 -10.34 11.31 8.30
CA GLN A 413 -10.34 11.32 8.28
C GLN A 413 -11.14 12.13 9.30
C GLN A 413 -11.15 12.15 9.29
N LEU A 414 -12.47 12.06 9.22
CA LEU A 414 -13.34 12.82 10.10
C LEU A 414 -13.15 12.43 11.57
N ALA A 415 -13.21 11.14 11.86
CA ALA A 415 -13.05 10.67 13.23
C ALA A 415 -11.71 11.16 13.80
N GLY A 416 -10.65 10.99 13.03
CA GLY A 416 -9.32 11.38 13.45
C GLY A 416 -9.17 12.86 13.75
N ARG A 417 -9.61 13.70 12.82
CA ARG A 417 -9.55 15.15 13.02
C ARG A 417 -10.44 15.59 14.18
N LEU A 418 -11.65 15.03 14.27
CA LEU A 418 -12.57 15.41 15.34
C LEU A 418 -12.01 15.07 16.72
N ALA A 419 -11.38 13.91 16.81
CA ALA A 419 -10.81 13.45 18.07
C ALA A 419 -9.59 14.28 18.44
N ALA A 420 -8.72 14.52 17.47
CA ALA A 420 -7.50 15.29 17.72
C ALA A 420 -7.86 16.67 18.26
N GLN A 421 -9.12 17.06 18.08
CA GLN A 421 -9.50 18.44 18.31
C GLN A 421 -10.60 18.63 19.34
N GLY A 422 -10.68 17.68 20.27
CA GLY A 422 -11.50 17.85 21.45
C GLY A 422 -12.80 17.08 21.51
N ALA A 423 -13.25 16.53 20.39
CA ALA A 423 -14.55 15.90 20.37
C ALA A 423 -14.47 14.54 21.02
N ARG A 424 -15.58 14.10 21.61
CA ARG A 424 -15.69 12.72 22.04
C ARG A 424 -16.34 11.93 20.91
N VAL A 425 -15.61 10.94 20.40
CA VAL A 425 -16.01 10.21 19.20
C VAL A 425 -16.18 8.75 19.49
N TYR A 426 -17.28 8.16 19.03
CA TYR A 426 -17.44 6.71 19.05
C TYR A 426 -17.58 6.21 17.62
N ALA A 427 -16.95 5.08 17.32
CA ALA A 427 -16.90 4.61 15.95
C ALA A 427 -17.28 3.15 15.85
N TYR A 428 -17.96 2.79 14.77
CA TYR A 428 -18.38 1.40 14.59
C TYR A 428 -18.26 0.94 13.15
N ILE A 429 -18.32 -0.37 12.98
CA ILE A 429 -18.51 -0.93 11.67
C ILE A 429 -19.67 -1.91 11.81
N PHE A 430 -20.66 -1.77 10.95
CA PHE A 430 -21.85 -2.60 10.98
C PHE A 430 -21.67 -3.79 10.04
N GLU A 431 -21.75 -5.02 10.55
CA GLU A 431 -21.35 -6.18 9.76
C GLU A 431 -22.41 -7.26 9.61
N HIS A 432 -23.62 -6.98 10.05
CA HIS A 432 -24.66 -8.00 9.93
C HIS A 432 -25.52 -7.79 8.69
N ARG A 433 -25.68 -8.83 7.89
CA ARG A 433 -26.49 -8.75 6.68
C ARG A 433 -27.92 -9.20 6.96
N ALA A 434 -28.89 -8.33 6.70
CA ALA A 434 -30.29 -8.65 6.98
C ALA A 434 -30.60 -10.01 6.37
N SER A 435 -31.24 -10.87 7.16
CA SER A 435 -31.69 -12.16 6.64
C SER A 435 -32.73 -11.96 5.55
N THR A 436 -33.29 -10.75 5.48
CA THR A 436 -34.32 -10.39 4.51
C THR A 436 -33.79 -9.61 3.30
N LEU A 437 -32.49 -9.41 3.21
CA LEU A 437 -31.93 -8.59 2.13
C LEU A 437 -32.30 -9.19 0.77
N THR A 438 -32.63 -8.34 -0.20
CA THR A 438 -32.98 -8.86 -1.53
C THR A 438 -31.90 -8.61 -2.58
N TRP A 439 -30.85 -7.89 -2.21
CA TRP A 439 -29.67 -7.82 -3.06
C TRP A 439 -28.90 -9.14 -2.96
N PRO A 440 -28.09 -9.45 -3.97
CA PRO A 440 -27.30 -10.69 -4.03
C PRO A 440 -26.30 -10.76 -2.89
N LEU A 441 -25.84 -11.98 -2.61
CA LEU A 441 -24.83 -12.24 -1.59
C LEU A 441 -23.50 -11.55 -1.83
N TRP A 442 -23.11 -11.42 -3.10
CA TRP A 442 -21.81 -10.85 -3.40
C TRP A 442 -21.72 -9.40 -2.87
N MET A 443 -22.86 -8.75 -2.70
CA MET A 443 -22.86 -7.37 -2.22
C MET A 443 -22.63 -7.27 -0.71
N GLY A 444 -22.64 -8.40 -0.02
CA GLY A 444 -22.34 -8.44 1.41
C GLY A 444 -23.33 -7.67 2.27
N VAL A 445 -22.81 -6.75 3.09
CA VAL A 445 -23.63 -5.85 3.91
C VAL A 445 -23.62 -4.50 3.24
N PRO A 446 -24.62 -4.25 2.38
CA PRO A 446 -24.46 -3.06 1.54
C PRO A 446 -24.85 -1.77 2.25
N HIS A 447 -24.39 -0.68 1.67
CA HIS A 447 -24.67 0.67 2.10
C HIS A 447 -26.17 0.87 2.26
N GLY A 448 -26.57 1.44 3.40
CA GLY A 448 -27.96 1.71 3.69
C GLY A 448 -28.67 0.65 4.52
N TYR A 449 -28.04 -0.51 4.73
CA TYR A 449 -28.77 -1.65 5.31
C TYR A 449 -28.60 -1.89 6.82
N GLU A 450 -28.03 -0.92 7.51
CA GLU A 450 -28.06 -0.88 8.96
C GLU A 450 -29.29 -0.12 9.44
N ILE A 451 -29.80 0.78 8.59
CA ILE A 451 -30.86 1.70 8.99
C ILE A 451 -32.09 1.02 9.59
N GLU A 452 -32.56 -0.03 8.91
CA GLU A 452 -33.73 -0.78 9.37
C GLU A 452 -33.52 -1.38 10.77
N PHE A 453 -32.27 -1.70 11.12
CA PHE A 453 -31.97 -2.19 12.46
C PHE A 453 -31.94 -1.08 13.53
N ILE A 454 -31.36 0.06 13.20
CA ILE A 454 -31.33 1.21 14.10
C ILE A 454 -32.75 1.69 14.46
N PHE A 455 -33.69 1.54 13.53
CA PHE A 455 -35.07 1.99 13.75
C PHE A 455 -35.96 0.90 14.33
N GLY A 456 -35.39 -0.28 14.53
CA GLY A 456 -36.12 -1.39 15.12
C GLY A 456 -37.22 -2.03 14.30
N LEU A 457 -37.10 -2.02 12.98
CA LEU A 457 -38.06 -2.76 12.16
C LEU A 457 -38.18 -4.25 12.48
N PRO A 458 -37.07 -4.90 12.89
CA PRO A 458 -37.23 -6.33 13.17
C PRO A 458 -38.19 -6.64 14.32
N LEU A 459 -38.53 -5.64 15.15
CA LEU A 459 -39.50 -5.83 16.22
C LEU A 459 -40.92 -6.04 15.68
N ASP A 460 -41.13 -5.66 14.42
CA ASP A 460 -42.43 -5.84 13.79
C ASP A 460 -42.52 -7.28 13.30
N PRO A 461 -43.38 -8.08 13.92
CA PRO A 461 -43.29 -9.54 13.70
C PRO A 461 -43.63 -9.90 12.25
N SER A 462 -44.48 -9.11 11.61
CA SER A 462 -44.84 -9.36 10.22
C SER A 462 -43.70 -9.19 9.20
N LEU A 463 -42.53 -8.72 9.64
CA LEU A 463 -41.45 -8.46 8.70
C LEU A 463 -40.52 -9.65 8.52
N ASN A 464 -40.75 -10.69 9.31
CA ASN A 464 -40.07 -11.97 9.11
C ASN A 464 -38.56 -11.97 9.42
N TYR A 465 -38.11 -11.04 10.25
CA TYR A 465 -36.71 -11.08 10.71
C TYR A 465 -36.57 -12.23 11.67
N THR A 466 -35.34 -12.62 11.99
CA THR A 466 -35.09 -13.67 12.97
C THR A 466 -35.18 -13.12 14.39
N THR A 467 -35.38 -14.02 15.35
CA THR A 467 -35.44 -13.65 16.76
C THR A 467 -34.14 -13.00 17.19
N GLU A 468 -33.04 -13.46 16.61
CA GLU A 468 -31.73 -12.92 16.93
C GLU A 468 -31.58 -11.51 16.36
N GLU A 469 -32.13 -11.30 15.16
CA GLU A 469 -32.16 -9.96 14.57
C GLU A 469 -33.00 -9.01 15.43
N ARG A 470 -34.06 -9.54 16.03
CA ARG A 470 -34.90 -8.73 16.90
C ARG A 470 -34.11 -8.27 18.12
N ILE A 471 -33.36 -9.19 18.72
CA ILE A 471 -32.53 -8.86 19.87
C ILE A 471 -31.43 -7.89 19.48
N PHE A 472 -30.81 -8.16 18.34
CA PHE A 472 -29.80 -7.28 17.77
C PHE A 472 -30.31 -5.86 17.63
N ALA A 473 -31.48 -5.71 17.00
CA ALA A 473 -32.05 -4.37 16.77
C ALA A 473 -32.24 -3.61 18.09
N GLN A 474 -32.81 -4.30 19.08
CA GLN A 474 -32.97 -3.74 20.41
C GLN A 474 -31.64 -3.23 21.00
N ARG A 475 -30.57 -4.00 20.85
CA ARG A 475 -29.25 -3.55 21.30
C ARG A 475 -28.88 -2.22 20.65
N LEU A 476 -28.99 -2.16 19.32
CA LEU A 476 -28.58 -0.96 18.60
C LEU A 476 -29.45 0.20 19.00
N MET A 477 -30.75 -0.05 19.14
CA MET A 477 -31.66 1.01 19.61
C MET A 477 -31.15 1.55 20.96
N LYS A 478 -30.75 0.65 21.85
CA LYS A 478 -30.16 1.05 23.13
C LYS A 478 -28.92 1.93 22.96
N TYR A 479 -27.99 1.51 22.07
CA TYR A 479 -26.75 2.30 21.88
C TYR A 479 -27.07 3.71 21.43
N TRP A 480 -27.91 3.82 20.41
CA TRP A 480 -28.23 5.09 19.81
C TRP A 480 -28.94 5.99 20.82
N THR A 481 -29.96 5.47 21.49
CA THR A 481 -30.69 6.28 22.45
C THR A 481 -29.89 6.59 23.72
N ASN A 482 -29.00 5.70 24.14
CA ASN A 482 -28.07 6.03 25.22
C ASN A 482 -27.16 7.18 24.83
N PHE A 483 -26.63 7.10 23.62
CA PHE A 483 -25.76 8.16 23.13
C PHE A 483 -26.51 9.50 23.00
N ALA A 484 -27.76 9.45 22.55
CA ALA A 484 -28.57 10.67 22.47
C ALA A 484 -28.81 11.21 23.87
N ARG A 485 -29.16 10.31 24.78
CA ARG A 485 -29.46 10.67 26.17
C ARG A 485 -28.24 11.28 26.90
N THR A 486 -27.06 10.67 26.73
CA THR A 486 -25.91 10.98 27.58
C THR A 486 -24.63 11.32 26.84
N GLY A 487 -24.59 11.05 25.54
CA GLY A 487 -23.37 11.23 24.76
C GLY A 487 -22.43 10.05 24.93
N ASP A 488 -22.97 8.94 25.40
CA ASP A 488 -22.22 7.70 25.61
C ASP A 488 -23.11 6.53 25.22
N PRO A 489 -22.69 5.73 24.22
CA PRO A 489 -23.54 4.62 23.79
C PRO A 489 -23.72 3.59 24.89
N ASN A 490 -22.75 3.52 25.80
CA ASN A 490 -22.70 2.46 26.81
C ASN A 490 -23.83 2.55 27.83
N ASP A 491 -24.28 1.40 28.31
CA ASP A 491 -25.27 1.37 29.39
C ASP A 491 -24.56 1.25 30.74
N PRO A 492 -24.88 2.17 31.67
CA PRO A 492 -24.29 2.15 33.03
C PRO A 492 -24.59 0.85 33.80
N SER A 497 -21.65 -6.67 30.11
CA SER A 497 -21.67 -6.17 28.74
C SER A 497 -20.34 -5.51 28.38
N PRO A 498 -19.73 -5.94 27.28
CA PRO A 498 -18.45 -5.34 26.85
C PRO A 498 -18.63 -3.85 26.57
N GLN A 499 -17.58 -3.06 26.76
CA GLN A 499 -17.67 -1.60 26.64
C GLN A 499 -17.29 -1.08 25.26
N TRP A 500 -17.86 0.07 24.91
CA TRP A 500 -17.55 0.74 23.66
C TRP A 500 -16.64 1.91 24.03
N PRO A 501 -15.34 1.78 23.75
CA PRO A 501 -14.37 2.84 24.06
C PRO A 501 -14.50 3.93 23.04
N PRO A 502 -14.20 5.17 23.43
CA PRO A 502 -14.07 6.26 22.47
C PRO A 502 -13.00 5.96 21.43
N TYR A 503 -13.13 6.56 20.25
CA TYR A 503 -12.09 6.49 19.25
C TYR A 503 -11.05 7.56 19.56
N THR A 504 -9.77 7.21 19.50
CA THR A 504 -8.71 8.19 19.75
C THR A 504 -7.60 8.09 18.72
N THR A 505 -6.87 9.17 18.52
CA THR A 505 -5.76 9.18 17.60
C THR A 505 -4.72 8.13 17.99
N ALA A 506 -4.48 7.99 19.29
CA ALA A 506 -3.46 7.09 19.82
C ALA A 506 -3.82 5.61 19.76
N ALA A 507 -5.10 5.28 19.88
CA ALA A 507 -5.50 3.87 19.91
C ALA A 507 -6.43 3.48 18.76
N GLN A 508 -7.07 4.47 18.16
CA GLN A 508 -7.92 4.22 16.98
C GLN A 508 -8.90 3.07 17.18
N GLN A 509 -9.57 3.05 18.32
CA GLN A 509 -10.50 1.98 18.65
C GLN A 509 -11.92 2.18 18.11
N TYR A 510 -12.51 1.10 17.62
CA TYR A 510 -13.91 1.10 17.17
C TYR A 510 -14.49 -0.28 17.45
N VAL A 511 -15.81 -0.42 17.39
CA VAL A 511 -16.42 -1.71 17.67
C VAL A 511 -17.09 -2.33 16.47
N SER A 512 -17.23 -3.65 16.47
CA SER A 512 -18.03 -4.32 15.46
C SER A 512 -19.46 -4.44 15.98
N LEU A 513 -20.42 -4.18 15.10
CA LEU A 513 -21.83 -4.35 15.42
C LEU A 513 -22.37 -5.55 14.64
N ASN A 514 -22.63 -6.64 15.34
CA ASN A 514 -23.28 -7.80 14.75
C ASN A 514 -24.00 -8.61 15.81
N LEU A 515 -24.42 -9.83 15.45
CA LEU A 515 -25.15 -10.68 16.37
C LEU A 515 -24.30 -11.08 17.59
N LYS A 516 -22.99 -11.01 17.43
CA LYS A 516 -22.05 -11.30 18.50
C LYS A 516 -21.88 -10.07 19.40
N PRO A 517 -21.50 -10.28 20.67
CA PRO A 517 -21.32 -9.14 21.57
C PRO A 517 -20.25 -8.18 21.05
N LEU A 518 -20.33 -6.92 21.43
CA LEU A 518 -19.34 -5.93 21.02
C LEU A 518 -17.92 -6.47 21.06
N GLU A 519 -17.23 -6.39 19.94
CA GLU A 519 -15.81 -6.69 19.91
C GLU A 519 -15.04 -5.42 19.50
N VAL A 520 -13.93 -5.15 20.18
CA VAL A 520 -13.18 -3.92 19.95
C VAL A 520 -12.03 -4.13 18.98
N ARG A 521 -11.87 -3.20 18.03
CA ARG A 521 -10.82 -3.28 17.04
C ARG A 521 -10.06 -1.97 16.92
N ARG A 522 -8.92 -2.03 16.24
CA ARG A 522 -8.04 -0.88 16.17
C ARG A 522 -7.67 -0.57 14.73
N GLY A 523 -7.70 0.71 14.39
CA GLY A 523 -7.35 1.15 13.06
C GLY A 523 -8.49 0.95 12.08
N LEU A 524 -9.06 2.05 11.63
CA LEU A 524 -10.12 2.05 10.64
C LEU A 524 -9.48 2.04 9.25
N ARG A 525 -9.23 0.86 8.71
CA ARG A 525 -8.49 0.76 7.44
C ARG A 525 -7.26 1.64 7.45
N ALA A 526 -6.51 1.64 8.54
CA ALA A 526 -5.45 2.61 8.73
C ALA A 526 -4.50 2.68 7.53
N GLN A 527 -4.08 1.52 7.04
CA GLN A 527 -3.06 1.47 6.00
C GLN A 527 -3.59 2.01 4.68
N THR A 528 -4.70 1.43 4.21
CA THR A 528 -5.30 1.87 2.96
C THR A 528 -5.75 3.33 3.03
N CYS A 529 -6.30 3.77 4.17
CA CYS A 529 -6.75 5.14 4.27
C CYS A 529 -5.61 6.16 4.25
N ALA A 530 -4.42 5.74 4.66
CA ALA A 530 -3.25 6.59 4.51
C ALA A 530 -3.03 6.89 3.03
N PHE A 531 -3.29 5.88 2.20
CA PHE A 531 -3.15 6.05 0.77
C PHE A 531 -4.12 7.10 0.25
N TRP A 532 -5.39 6.95 0.58
CA TRP A 532 -6.43 7.88 0.11
C TRP A 532 -6.30 9.27 0.71
N ASN A 533 -6.05 9.31 2.02
CA ASN A 533 -6.11 10.55 2.78
C ASN A 533 -4.82 11.36 2.81
N ARG A 534 -3.67 10.68 2.72
CA ARG A 534 -2.39 11.34 2.81
C ARG A 534 -1.66 11.39 1.49
N PHE A 535 -1.60 10.27 0.79
CA PHE A 535 -0.83 10.23 -0.44
C PHE A 535 -1.59 10.75 -1.65
N LEU A 536 -2.77 10.21 -1.91
CA LEU A 536 -3.51 10.58 -3.11
C LEU A 536 -3.61 12.09 -3.34
N PRO A 537 -3.91 12.87 -2.28
CA PRO A 537 -4.03 14.32 -2.50
C PRO A 537 -2.75 14.88 -3.13
N LYS A 538 -1.62 14.63 -2.48
CA LYS A 538 -0.30 15.02 -3.00
C LYS A 538 -0.02 14.57 -4.43
N LEU A 539 -0.47 13.37 -4.78
CA LEU A 539 -0.23 12.82 -6.11
C LEU A 539 -0.98 13.58 -7.20
N LEU A 540 -2.24 13.92 -6.92
CA LEU A 540 -3.09 14.54 -7.92
C LEU A 540 -2.58 15.90 -8.45
N SER A 541 -1.67 16.53 -7.71
CA SER A 541 -1.00 17.74 -8.18
C SER A 541 0.51 17.52 -8.49
N ALA A 542 0.82 16.98 -9.67
CA ALA A 542 -0.18 16.59 -10.66
C ALA A 542 0.20 15.28 -11.35
N GLU B 4 57.41 -35.26 -2.89
CA GLU B 4 56.70 -34.90 -4.11
C GLU B 4 55.39 -35.69 -4.30
N ASP B 5 54.35 -35.30 -3.55
CA ASP B 5 53.03 -35.93 -3.67
C ASP B 5 52.42 -35.75 -5.06
N PRO B 6 52.18 -36.86 -5.77
CA PRO B 6 51.68 -36.81 -7.15
C PRO B 6 50.28 -36.21 -7.24
N GLN B 7 49.51 -36.29 -6.16
CA GLN B 7 48.18 -35.70 -6.12
C GLN B 7 48.27 -34.20 -6.22
N LEU B 8 49.35 -33.65 -5.71
CA LEU B 8 49.51 -32.20 -5.60
C LEU B 8 50.24 -31.60 -6.78
N LEU B 9 50.47 -32.40 -7.81
CA LEU B 9 51.12 -31.89 -9.00
C LEU B 9 50.18 -31.91 -10.19
N VAL B 10 50.05 -30.76 -10.85
CA VAL B 10 49.11 -30.59 -11.93
C VAL B 10 49.79 -29.84 -13.06
N ARG B 11 49.47 -30.21 -14.30
CA ARG B 11 49.95 -29.46 -15.46
C ARG B 11 48.79 -28.79 -16.17
N VAL B 12 48.82 -27.47 -16.16
CA VAL B 12 47.83 -26.68 -16.85
C VAL B 12 48.49 -26.14 -18.11
N ARG B 13 47.72 -25.46 -18.94
CA ARG B 13 48.22 -24.97 -20.23
C ARG B 13 49.46 -24.10 -20.10
N GLY B 14 49.66 -23.47 -18.96
CA GLY B 14 50.76 -22.53 -18.79
C GLY B 14 51.98 -23.11 -18.14
N GLY B 15 51.87 -24.33 -17.60
CA GLY B 15 52.98 -24.97 -16.93
C GLY B 15 52.55 -25.85 -15.76
N GLN B 16 53.51 -26.14 -14.88
CA GLN B 16 53.24 -27.04 -13.77
C GLN B 16 52.95 -26.28 -12.50
N LEU B 17 52.05 -26.85 -11.69
CA LEU B 17 51.63 -26.25 -10.46
C LEU B 17 51.90 -27.25 -9.37
N ARG B 18 52.19 -26.77 -8.17
CA ARG B 18 52.22 -27.65 -7.01
C ARG B 18 51.24 -27.12 -5.98
N GLY B 19 50.25 -27.93 -5.64
CA GLY B 19 49.25 -27.55 -4.67
C GLY B 19 49.69 -27.92 -3.28
N ILE B 20 48.73 -28.03 -2.38
CA ILE B 20 49.02 -28.38 -1.01
C ILE B 20 47.87 -29.21 -0.46
N ARG B 21 48.19 -30.17 0.39
CA ARG B 21 47.18 -31.04 0.98
C ARG B 21 46.67 -30.36 2.24
N LEU B 22 45.38 -30.05 2.26
CA LEU B 22 44.79 -29.36 3.41
C LEU B 22 43.90 -30.29 4.19
N LYS B 23 43.72 -29.99 5.48
CA LYS B 23 42.91 -30.83 6.34
C LYS B 23 41.50 -30.26 6.49
N ALA B 24 40.52 -31.01 6.00
CA ALA B 24 39.12 -30.75 6.30
C ALA B 24 38.69 -31.67 7.44
N PRO B 25 37.71 -31.24 8.26
CA PRO B 25 37.32 -32.01 9.45
C PRO B 25 37.15 -33.51 9.20
N GLY B 26 36.75 -33.88 7.98
CA GLY B 26 36.53 -35.28 7.69
C GLY B 26 37.48 -35.91 6.70
N GLY B 27 38.62 -35.26 6.44
CA GLY B 27 39.57 -35.79 5.49
C GLY B 27 40.39 -34.72 4.81
N PRO B 28 41.32 -35.11 3.93
CA PRO B 28 42.19 -34.16 3.24
C PRO B 28 41.54 -33.66 1.96
N VAL B 29 41.94 -32.46 1.54
CA VAL B 29 41.60 -31.96 0.23
C VAL B 29 42.86 -31.42 -0.43
N SER B 30 42.89 -31.45 -1.76
CA SER B 30 43.95 -30.81 -2.51
C SER B 30 43.58 -29.37 -2.77
N ALA B 31 44.45 -28.44 -2.39
CA ALA B 31 44.20 -27.03 -2.69
C ALA B 31 45.31 -26.40 -3.55
N PHE B 32 44.91 -25.77 -4.64
CA PHE B 32 45.83 -25.01 -5.47
C PHE B 32 45.48 -23.51 -5.40
N LEU B 33 46.24 -22.78 -4.60
CA LEU B 33 45.96 -21.38 -4.34
C LEU B 33 46.94 -20.45 -5.05
N GLY B 34 46.44 -19.32 -5.54
CA GLY B 34 47.28 -18.30 -6.14
C GLY B 34 47.71 -18.54 -7.58
N ILE B 35 46.92 -19.29 -8.34
CA ILE B 35 47.26 -19.55 -9.74
C ILE B 35 47.02 -18.32 -10.60
N PRO B 36 48.03 -17.89 -11.37
CA PRO B 36 47.82 -16.69 -12.17
C PRO B 36 46.96 -17.00 -13.39
N PHE B 37 45.92 -16.21 -13.65
CA PHE B 37 45.15 -16.43 -14.87
C PHE B 37 45.32 -15.30 -15.86
N ALA B 38 45.97 -14.22 -15.42
CA ALA B 38 46.25 -13.10 -16.31
C ALA B 38 47.64 -12.47 -16.07
N GLU B 39 48.15 -11.80 -17.09
CA GLU B 39 49.27 -10.86 -16.94
C GLU B 39 48.88 -9.81 -15.92
N PRO B 40 49.76 -9.54 -14.95
CA PRO B 40 49.45 -8.51 -13.95
C PRO B 40 49.05 -7.19 -14.61
N PRO B 41 47.87 -6.65 -14.25
CA PRO B 41 47.30 -5.44 -14.87
C PRO B 41 47.91 -4.16 -14.31
N VAL B 42 49.23 -4.04 -14.41
CA VAL B 42 49.94 -2.93 -13.80
C VAL B 42 50.50 -1.92 -14.80
N GLY B 43 50.91 -0.76 -14.31
CA GLY B 43 51.47 0.25 -15.15
C GLY B 43 50.52 0.65 -16.26
N SER B 44 50.94 0.46 -17.50
CA SER B 44 50.15 0.89 -18.64
C SER B 44 48.91 0.02 -18.83
N ARG B 45 48.85 -1.10 -18.11
CA ARG B 45 47.72 -2.02 -18.19
C ARG B 45 46.61 -1.66 -17.22
N ARG B 46 46.83 -0.65 -16.37
CA ARG B 46 45.79 -0.18 -15.47
C ARG B 46 44.58 0.33 -16.23
N PHE B 47 43.39 -0.09 -15.82
CA PHE B 47 42.12 0.23 -16.49
C PHE B 47 41.88 -0.53 -17.80
N MET B 48 42.84 -1.36 -18.21
CA MET B 48 42.66 -2.09 -19.46
C MET B 48 42.19 -3.53 -19.26
N PRO B 49 41.59 -4.12 -20.31
CA PRO B 49 41.21 -5.52 -20.26
C PRO B 49 42.37 -6.42 -19.85
N PRO B 50 42.08 -7.56 -19.21
CA PRO B 50 43.15 -8.50 -18.84
C PRO B 50 43.69 -9.21 -20.06
N GLU B 51 44.93 -9.67 -20.00
CA GLU B 51 45.48 -10.53 -21.03
C GLU B 51 45.88 -11.84 -20.38
N PRO B 52 45.77 -12.95 -21.13
CA PRO B 52 46.13 -14.29 -20.67
C PRO B 52 47.55 -14.32 -20.11
N LYS B 53 47.73 -15.01 -18.97
CA LYS B 53 49.04 -15.13 -18.35
C LYS B 53 50.00 -15.87 -19.27
N ARG B 54 51.24 -15.41 -19.33
CA ARG B 54 52.23 -16.10 -20.14
C ARG B 54 52.69 -17.37 -19.42
N PRO B 55 53.01 -18.41 -20.20
CA PRO B 55 53.58 -19.69 -19.74
C PRO B 55 54.74 -19.47 -18.79
N TRP B 56 54.97 -20.40 -17.88
CA TRP B 56 56.07 -20.27 -16.94
C TRP B 56 56.94 -21.53 -16.93
N SER B 57 58.16 -21.38 -16.44
CA SER B 57 59.11 -22.48 -16.42
C SER B 57 59.07 -23.17 -15.06
N GLY B 58 59.41 -24.46 -15.03
CA GLY B 58 59.46 -25.18 -13.78
C GLY B 58 58.13 -25.41 -13.10
N VAL B 59 58.15 -25.50 -11.78
CA VAL B 59 56.94 -25.74 -11.01
C VAL B 59 56.53 -24.50 -10.23
N LEU B 60 55.43 -23.87 -10.65
CA LEU B 60 54.88 -22.73 -9.93
C LEU B 60 54.29 -23.17 -8.60
N ASP B 61 54.65 -22.46 -7.53
CA ASP B 61 54.16 -22.77 -6.20
C ASP B 61 52.75 -22.23 -5.98
N ALA B 62 51.76 -23.12 -5.94
CA ALA B 62 50.36 -22.73 -5.71
C ALA B 62 49.86 -23.30 -4.39
N THR B 63 50.53 -22.95 -3.31
CA THR B 63 50.19 -23.47 -1.99
C THR B 63 49.70 -22.37 -1.08
N THR B 64 49.63 -21.16 -1.62
CA THR B 64 49.37 -19.97 -0.81
C THR B 64 48.49 -18.94 -1.53
N PHE B 65 47.58 -18.28 -0.81
CA PHE B 65 46.74 -17.24 -1.39
C PHE B 65 47.59 -16.08 -1.86
N GLN B 66 47.23 -15.52 -3.02
CA GLN B 66 47.96 -14.38 -3.54
C GLN B 66 47.46 -13.06 -2.96
N ASN B 67 48.03 -11.96 -3.43
CA ASN B 67 47.61 -10.65 -2.99
C ASN B 67 46.17 -10.30 -3.35
N VAL B 68 45.61 -9.41 -2.54
CA VAL B 68 44.26 -8.92 -2.68
C VAL B 68 44.27 -7.72 -3.61
N CYS B 69 43.36 -7.69 -4.59
CA CYS B 69 43.25 -6.54 -5.49
C CYS B 69 43.14 -5.23 -4.71
N TYR B 70 43.83 -4.19 -5.20
CA TYR B 70 43.89 -2.94 -4.47
C TYR B 70 42.51 -2.32 -4.22
N GLN B 71 42.21 -2.02 -2.97
CA GLN B 71 40.87 -1.60 -2.59
C GLN B 71 40.82 -0.83 -1.28
N TYR B 72 39.75 -0.04 -1.12
CA TYR B 72 39.40 0.57 0.15
C TYR B 72 39.35 -0.46 1.28
N VAL B 73 39.71 -0.03 2.48
CA VAL B 73 39.72 -0.90 3.65
C VAL B 73 38.82 -0.27 4.71
N ASP B 74 37.90 -1.06 5.26
CA ASP B 74 36.91 -0.50 6.18
C ASP B 74 37.51 -0.02 7.50
N THR B 75 36.95 1.06 8.02
CA THR B 75 37.49 1.70 9.23
C THR B 75 36.38 2.08 10.22
N LEU B 76 35.13 1.84 9.84
CA LEU B 76 33.99 2.23 10.66
C LEU B 76 34.08 1.72 12.10
N TYR B 77 34.42 0.44 12.26
CA TYR B 77 34.52 -0.15 13.58
C TYR B 77 35.85 -0.89 13.72
N PRO B 78 36.94 -0.14 13.94
CA PRO B 78 38.28 -0.72 13.97
C PRO B 78 38.37 -1.87 14.96
N GLY B 79 38.87 -3.03 14.51
CA GLY B 79 39.02 -4.18 15.37
C GLY B 79 37.77 -5.02 15.59
N PHE B 80 36.64 -4.56 15.05
CA PHE B 80 35.38 -5.28 15.20
C PHE B 80 35.29 -6.41 14.18
N GLU B 81 35.11 -7.64 14.65
CA GLU B 81 35.06 -8.82 13.79
C GLU B 81 33.95 -8.78 12.73
N GLY B 82 32.81 -8.19 13.10
CA GLY B 82 31.69 -8.05 12.18
C GLY B 82 32.09 -7.40 10.87
N THR B 83 32.89 -6.34 10.96
CA THR B 83 33.37 -5.65 9.76
C THR B 83 34.70 -6.20 9.26
N GLU B 84 35.57 -6.63 10.18
CA GLU B 84 36.93 -6.98 9.79
C GLU B 84 36.95 -8.24 8.94
N MET B 85 35.92 -9.08 9.09
CA MET B 85 35.87 -10.35 8.35
C MET B 85 35.78 -10.15 6.83
N TRP B 86 35.35 -8.97 6.43
CA TRP B 86 35.27 -8.62 5.02
C TRP B 86 36.53 -7.90 4.50
N ASN B 87 37.38 -7.42 5.41
CA ASN B 87 38.59 -6.68 5.02
C ASN B 87 39.67 -7.59 4.42
N PRO B 88 40.57 -7.02 3.59
CA PRO B 88 41.61 -7.86 2.97
C PRO B 88 42.44 -8.63 4.02
N ASN B 89 42.63 -9.93 3.80
CA ASN B 89 43.41 -10.76 4.71
C ASN B 89 44.76 -11.16 4.07
N ARG B 90 45.21 -10.36 3.10
CA ARG B 90 46.53 -10.48 2.49
C ARG B 90 46.96 -9.09 2.01
N GLU B 91 48.23 -8.97 1.62
CA GLU B 91 48.74 -7.68 1.13
C GLU B 91 47.94 -7.18 -0.07
N LEU B 92 47.65 -5.88 -0.08
CA LEU B 92 47.01 -5.27 -1.24
C LEU B 92 48.01 -5.17 -2.38
N SER B 93 47.53 -5.17 -3.62
CA SER B 93 48.40 -4.99 -4.77
C SER B 93 47.55 -4.97 -6.03
N GLU B 94 47.92 -4.14 -7.01
CA GLU B 94 47.30 -4.22 -8.33
C GLU B 94 47.66 -5.51 -9.04
N ASP B 95 48.71 -6.17 -8.57
CA ASP B 95 49.07 -7.48 -9.10
C ASP B 95 48.27 -8.51 -8.33
N CYS B 96 47.05 -8.80 -8.80
CA CYS B 96 46.10 -9.58 -8.00
C CYS B 96 45.30 -10.60 -8.79
N LEU B 97 45.57 -10.69 -10.09
CA LEU B 97 44.77 -11.55 -10.95
C LEU B 97 45.13 -13.04 -10.81
N TYR B 98 44.68 -13.63 -9.72
CA TYR B 98 44.93 -15.03 -9.44
C TYR B 98 43.63 -15.74 -9.10
N LEU B 99 43.60 -17.05 -9.31
CA LEU B 99 42.46 -17.86 -8.90
C LEU B 99 42.87 -19.05 -8.03
N ASN B 100 41.88 -19.67 -7.37
CA ASN B 100 42.08 -20.77 -6.45
C ASN B 100 41.21 -21.98 -6.82
N VAL B 101 41.72 -23.18 -6.53
CA VAL B 101 40.99 -24.40 -6.81
C VAL B 101 41.13 -25.37 -5.65
N TRP B 102 40.00 -25.86 -5.14
CA TRP B 102 39.98 -26.93 -4.17
C TRP B 102 39.39 -28.17 -4.82
N THR B 103 39.99 -29.33 -4.57
CA THR B 103 39.42 -30.58 -5.07
C THR B 103 39.50 -31.63 -3.98
N PRO B 104 38.71 -32.71 -4.11
CA PRO B 104 38.84 -33.88 -3.25
C PRO B 104 40.26 -34.43 -3.31
N TYR B 105 40.72 -35.02 -2.22
CA TYR B 105 42.01 -35.70 -2.16
C TYR B 105 41.75 -37.18 -1.90
N PRO B 106 42.07 -38.04 -2.88
CA PRO B 106 42.75 -37.73 -4.15
C PRO B 106 41.82 -37.08 -5.17
N ARG B 107 42.39 -36.59 -6.26
CA ARG B 107 41.60 -35.85 -7.23
C ARG B 107 40.60 -36.78 -7.91
N PRO B 108 39.38 -36.27 -8.13
CA PRO B 108 38.26 -37.04 -8.68
C PRO B 108 38.70 -37.97 -9.80
N ALA B 109 38.24 -39.22 -9.73
CA ALA B 109 38.52 -40.22 -10.75
C ALA B 109 37.64 -40.01 -11.98
N SER B 110 36.45 -39.45 -11.77
CA SER B 110 35.59 -39.05 -12.87
C SER B 110 35.41 -37.53 -12.85
N PRO B 111 35.04 -36.94 -13.99
CA PRO B 111 34.79 -35.51 -14.14
C PRO B 111 33.70 -34.97 -13.20
N THR B 112 34.08 -34.02 -12.35
CA THR B 112 33.17 -33.51 -11.33
C THR B 112 32.62 -32.14 -11.67
N PRO B 113 31.33 -31.91 -11.38
CA PRO B 113 30.71 -30.59 -11.42
C PRO B 113 31.58 -29.53 -10.77
N VAL B 114 31.75 -28.39 -11.44
CA VAL B 114 32.53 -27.29 -10.91
C VAL B 114 31.65 -26.15 -10.39
N LEU B 115 31.97 -25.64 -9.22
CA LEU B 115 31.33 -24.45 -8.69
C LEU B 115 32.32 -23.29 -8.74
N ILE B 116 31.95 -22.19 -9.37
CA ILE B 116 32.80 -21.02 -9.39
C ILE B 116 32.22 -19.89 -8.56
N TRP B 117 32.92 -19.51 -7.50
CA TRP B 117 32.51 -18.43 -6.60
C TRP B 117 33.00 -17.06 -7.06
N ILE B 118 32.10 -16.07 -7.02
CA ILE B 118 32.44 -14.68 -7.31
C ILE B 118 32.07 -13.80 -6.09
N TYR B 119 33.08 -13.37 -5.34
CA TYR B 119 32.82 -12.64 -4.09
C TYR B 119 32.10 -11.32 -4.30
N GLY B 120 31.46 -10.84 -3.24
CA GLY B 120 30.81 -9.54 -3.21
C GLY B 120 31.72 -8.49 -2.63
N GLY B 121 31.16 -7.34 -2.26
CA GLY B 121 31.96 -6.20 -1.83
C GLY B 121 31.69 -4.90 -2.58
N GLY B 122 30.48 -4.76 -3.12
CA GLY B 122 30.05 -3.54 -3.79
C GLY B 122 30.80 -3.18 -5.07
N PHE B 123 31.56 -4.11 -5.62
CA PHE B 123 32.43 -3.81 -6.75
C PHE B 123 33.59 -2.90 -6.36
N TYR B 124 33.72 -2.61 -5.05
CA TYR B 124 34.82 -1.76 -4.57
C TYR B 124 35.77 -2.48 -3.60
N SER B 125 35.44 -3.72 -3.24
CA SER B 125 36.26 -4.45 -2.29
C SER B 125 36.01 -5.95 -2.38
N GLY B 126 36.67 -6.71 -1.52
CA GLY B 126 36.50 -8.15 -1.45
C GLY B 126 37.71 -8.92 -1.95
N ALA B 127 37.74 -10.22 -1.65
CA ALA B 127 38.85 -11.07 -2.04
C ALA B 127 38.42 -12.52 -1.95
N ALA B 128 39.04 -13.38 -2.75
CA ALA B 128 38.68 -14.79 -2.76
C ALA B 128 39.39 -15.56 -1.65
N SER B 129 40.14 -14.84 -0.81
CA SER B 129 40.91 -15.50 0.24
C SER B 129 40.28 -15.39 1.62
N LEU B 130 39.14 -14.72 1.74
CA LEU B 130 38.49 -14.57 3.05
C LEU B 130 38.13 -15.96 3.56
N ASP B 131 38.11 -16.11 4.88
CA ASP B 131 37.77 -17.41 5.48
C ASP B 131 36.34 -17.86 5.14
N VAL B 132 35.41 -16.92 4.98
CA VAL B 132 34.03 -17.31 4.69
C VAL B 132 33.87 -17.94 3.31
N TYR B 133 34.90 -17.82 2.47
CA TYR B 133 34.88 -18.41 1.13
C TYR B 133 35.76 -19.65 1.02
N ASP B 134 36.17 -20.19 2.16
CA ASP B 134 37.01 -21.39 2.19
C ASP B 134 36.33 -22.59 1.53
N GLY B 135 36.91 -23.08 0.43
CA GLY B 135 36.33 -24.18 -0.32
C GLY B 135 36.61 -25.61 0.16
N ARG B 136 37.35 -25.80 1.23
CA ARG B 136 37.72 -27.15 1.64
C ARG B 136 36.49 -28.02 2.02
N PHE B 137 35.52 -27.41 2.68
CA PHE B 137 34.34 -28.15 3.14
C PHE B 137 33.51 -28.72 1.99
N LEU B 138 33.14 -27.87 1.04
CA LEU B 138 32.37 -28.29 -0.11
C LEU B 138 33.11 -29.37 -0.91
N ALA B 139 34.43 -29.26 -0.97
CA ALA B 139 35.23 -30.20 -1.77
C ALA B 139 35.34 -31.55 -1.06
N GLN B 140 35.47 -31.50 0.25
CA GLN B 140 35.63 -32.72 1.02
C GLN B 140 34.30 -33.43 1.17
N VAL B 141 33.30 -32.73 1.68
CA VAL B 141 32.01 -33.33 1.98
C VAL B 141 31.20 -33.71 0.74
N GLU B 142 31.29 -32.90 -0.30
CA GLU B 142 30.43 -33.07 -1.47
C GLU B 142 31.20 -33.48 -2.72
N GLY B 143 32.51 -33.62 -2.58
CA GLY B 143 33.37 -33.95 -3.70
C GLY B 143 33.30 -32.96 -4.85
N ALA B 144 33.06 -31.69 -4.52
CA ALA B 144 32.99 -30.65 -5.53
C ALA B 144 34.38 -30.12 -5.89
N VAL B 145 34.57 -29.77 -7.16
CA VAL B 145 35.70 -28.95 -7.55
C VAL B 145 35.23 -27.51 -7.45
N LEU B 146 35.86 -26.75 -6.56
CA LEU B 146 35.46 -25.38 -6.31
C LEU B 146 36.53 -24.40 -6.76
N VAL B 147 36.15 -23.44 -7.59
CA VAL B 147 37.07 -22.41 -8.07
C VAL B 147 36.65 -21.03 -7.56
N SER B 148 37.62 -20.19 -7.20
CA SER B 148 37.34 -18.77 -6.97
C SER B 148 38.46 -17.88 -7.51
N MET B 149 38.10 -16.71 -8.07
CA MET B 149 39.10 -15.79 -8.65
C MET B 149 39.10 -14.43 -7.95
N ASN B 150 40.24 -13.77 -7.99
CA ASN B 150 40.28 -12.36 -7.68
C ASN B 150 39.91 -11.58 -8.93
N TYR B 151 39.21 -10.47 -8.76
CA TYR B 151 38.98 -9.57 -9.87
C TYR B 151 39.13 -8.12 -9.40
N ARG B 152 39.59 -7.24 -10.28
CA ARG B 152 39.82 -5.85 -9.93
C ARG B 152 38.54 -5.14 -9.46
N VAL B 153 38.65 -4.38 -8.38
CA VAL B 153 37.54 -3.61 -7.84
C VAL B 153 37.87 -2.12 -7.86
N GLY B 154 36.92 -1.30 -7.40
CA GLY B 154 37.08 0.14 -7.39
C GLY B 154 37.44 0.72 -8.74
N THR B 155 38.26 1.78 -8.71
CA THR B 155 38.70 2.46 -9.94
C THR B 155 39.46 1.51 -10.86
N PHE B 156 40.30 0.67 -10.28
CA PHE B 156 41.11 -0.27 -11.07
C PHE B 156 40.25 -1.19 -11.93
N GLY B 157 39.13 -1.64 -11.38
CA GLY B 157 38.27 -2.57 -12.09
C GLY B 157 37.15 -1.93 -12.89
N PHE B 158 36.69 -0.76 -12.47
CA PHE B 158 35.48 -0.21 -13.08
C PHE B 158 35.48 1.28 -13.45
N LEU B 159 36.59 1.98 -13.28
CA LEU B 159 36.67 3.35 -13.77
C LEU B 159 36.65 3.35 -15.28
N ALA B 160 35.69 4.06 -15.87
CA ALA B 160 35.49 4.02 -17.33
C ALA B 160 35.30 5.40 -17.94
N LEU B 161 35.93 5.58 -19.09
CA LEU B 161 35.63 6.71 -19.95
C LEU B 161 35.03 6.12 -21.20
N PRO B 162 33.70 5.88 -21.16
CA PRO B 162 33.03 5.08 -22.18
C PRO B 162 33.42 5.52 -23.58
N GLY B 163 33.74 4.55 -24.41
CA GLY B 163 34.13 4.81 -25.79
C GLY B 163 35.64 4.88 -25.96
N SER B 164 36.36 5.30 -24.92
CA SER B 164 37.82 5.41 -24.99
C SER B 164 38.47 4.06 -25.22
N ARG B 165 39.75 4.07 -25.57
CA ARG B 165 40.46 2.82 -25.80
C ARG B 165 41.14 2.34 -24.52
N GLU B 166 41.48 3.26 -23.64
CA GLU B 166 42.36 2.95 -22.53
C GLU B 166 41.65 2.86 -21.18
N ALA B 167 40.36 3.17 -21.18
CA ALA B 167 39.50 2.90 -20.03
C ALA B 167 38.10 2.56 -20.48
N PRO B 168 37.94 1.41 -21.14
CA PRO B 168 36.65 1.01 -21.72
C PRO B 168 35.57 0.69 -20.69
N GLY B 169 35.93 0.48 -19.43
CA GLY B 169 34.99 0.05 -18.40
C GLY B 169 34.77 -1.45 -18.36
N ASN B 170 34.27 -1.92 -17.22
CA ASN B 170 33.92 -3.34 -17.03
C ASN B 170 35.12 -4.31 -17.04
N VAL B 171 36.34 -3.82 -16.81
CA VAL B 171 37.49 -4.72 -16.94
C VAL B 171 37.47 -5.77 -15.83
N GLY B 172 36.96 -5.39 -14.67
CA GLY B 172 36.76 -6.34 -13.58
C GLY B 172 35.84 -7.50 -13.95
N LEU B 173 34.78 -7.23 -14.70
CA LEU B 173 33.96 -8.31 -15.21
C LEU B 173 34.74 -9.13 -16.24
N LEU B 174 35.55 -8.45 -17.05
CA LEU B 174 36.40 -9.16 -18.00
C LEU B 174 37.42 -10.04 -17.28
N ASP B 175 37.79 -9.67 -16.06
CA ASP B 175 38.71 -10.47 -15.28
C ASP B 175 38.01 -11.78 -14.93
N GLN B 176 36.76 -11.66 -14.47
CA GLN B 176 35.95 -12.82 -14.17
C GLN B 176 35.80 -13.71 -15.39
N ARG B 177 35.52 -13.10 -16.53
CA ARG B 177 35.33 -13.88 -17.75
C ARG B 177 36.61 -14.63 -18.13
N LEU B 178 37.76 -13.94 -18.05
CA LEU B 178 39.03 -14.59 -18.36
C LEU B 178 39.26 -15.81 -17.46
N ALA B 179 38.90 -15.69 -16.19
CA ALA B 179 39.03 -16.79 -15.23
C ALA B 179 38.04 -17.94 -15.54
N LEU B 180 36.84 -17.60 -15.99
CA LEU B 180 35.90 -18.59 -16.50
C LEU B 180 36.47 -19.33 -17.71
N GLN B 181 37.17 -18.59 -18.59
CA GLN B 181 37.80 -19.20 -19.76
C GLN B 181 38.89 -20.17 -19.33
N TRP B 182 39.61 -19.78 -18.27
CA TRP B 182 40.69 -20.59 -17.75
C TRP B 182 40.13 -21.91 -17.24
N VAL B 183 39.01 -21.86 -16.54
CA VAL B 183 38.36 -23.07 -16.05
C VAL B 183 38.03 -24.03 -17.20
N GLN B 184 37.43 -23.51 -18.27
CA GLN B 184 37.14 -24.31 -19.46
C GLN B 184 38.38 -25.03 -19.98
N GLU B 185 39.48 -24.29 -20.04
CA GLU B 185 40.70 -24.78 -20.67
C GLU B 185 41.53 -25.71 -19.77
N ASN B 186 41.31 -25.64 -18.47
CA ASN B 186 42.25 -26.24 -17.51
C ASN B 186 41.63 -27.13 -16.43
N ILE B 187 40.34 -26.97 -16.17
CA ILE B 187 39.76 -27.58 -14.98
C ILE B 187 39.77 -29.11 -15.04
N ALA B 188 39.72 -29.64 -16.25
CA ALA B 188 39.78 -31.07 -16.45
C ALA B 188 41.07 -31.67 -15.83
N ALA B 189 42.19 -30.98 -15.99
CA ALA B 189 43.44 -31.42 -15.39
C ALA B 189 43.33 -31.64 -13.89
N PHE B 190 42.33 -31.01 -13.26
CA PHE B 190 42.12 -31.14 -11.83
C PHE B 190 41.02 -32.18 -11.55
N GLY B 191 40.44 -32.72 -12.62
CA GLY B 191 39.29 -33.61 -12.51
C GLY B 191 37.95 -32.90 -12.58
N GLY B 192 37.96 -31.63 -12.97
CA GLY B 192 36.74 -30.85 -13.10
C GLY B 192 36.05 -31.17 -14.40
N ASP B 193 34.74 -30.98 -14.44
CA ASP B 193 33.99 -31.19 -15.68
C ASP B 193 33.62 -29.83 -16.29
N PRO B 194 34.33 -29.43 -17.36
CA PRO B 194 34.09 -28.12 -17.97
C PRO B 194 32.68 -28.02 -18.52
N MET B 195 32.08 -29.17 -18.78
CA MET B 195 30.74 -29.24 -19.34
C MET B 195 29.66 -29.09 -18.26
N SER B 196 30.09 -28.98 -17.01
CA SER B 196 29.18 -28.68 -15.91
C SER B 196 29.74 -27.61 -14.96
N VAL B 197 29.45 -26.36 -15.25
CA VAL B 197 30.00 -25.24 -14.50
C VAL B 197 28.91 -24.35 -13.95
N THR B 198 28.89 -24.20 -12.63
CA THR B 198 27.88 -23.40 -11.97
C THR B 198 28.53 -22.20 -11.33
N LEU B 199 28.11 -21.00 -11.74
CA LEU B 199 28.54 -19.79 -11.05
C LEU B 199 27.72 -19.58 -9.80
N PHE B 200 28.36 -19.24 -8.68
CA PHE B 200 27.59 -18.69 -7.56
C PHE B 200 28.30 -17.49 -6.94
N GLY B 201 27.53 -16.54 -6.44
CA GLY B 201 28.07 -15.29 -5.93
C GLY B 201 27.07 -14.55 -5.07
N GLU B 202 27.58 -13.68 -4.20
CA GLU B 202 26.72 -12.92 -3.28
C GLU B 202 26.87 -11.39 -3.47
N ALA B 204 27.38 -8.03 -4.86
CA ALA B 204 27.98 -7.66 -6.16
C ALA B 204 28.43 -8.91 -6.93
N GLY B 205 28.82 -9.96 -6.21
CA GLY B 205 29.12 -11.23 -6.86
C GLY B 205 27.89 -11.77 -7.58
N ALA B 206 26.74 -11.71 -6.92
CA ALA B 206 25.48 -12.13 -7.53
C ALA B 206 25.16 -11.29 -8.77
N ALA B 207 25.30 -9.99 -8.63
CA ALA B 207 25.14 -9.07 -9.75
C ALA B 207 26.09 -9.43 -10.91
N SER B 208 27.36 -9.73 -10.59
CA SER B 208 28.32 -10.19 -11.61
C SER B 208 27.84 -11.44 -12.32
N VAL B 209 27.40 -12.43 -11.56
CA VAL B 209 26.81 -13.64 -12.12
C VAL B 209 25.67 -13.28 -13.09
N GLY B 210 24.77 -12.42 -12.64
CA GLY B 210 23.68 -11.96 -13.50
C GLY B 210 24.15 -11.28 -14.77
N MET B 211 25.25 -10.55 -14.67
CA MET B 211 25.80 -9.94 -15.87
C MET B 211 26.45 -10.95 -16.81
N HIS B 212 27.02 -12.03 -16.27
CA HIS B 212 27.48 -13.08 -17.16
C HIS B 212 26.32 -13.79 -17.85
N ILE B 213 25.16 -13.82 -17.20
CA ILE B 213 23.96 -14.35 -17.86
C ILE B 213 23.52 -13.45 -19.03
N LEU B 214 23.67 -12.14 -18.84
CA LEU B 214 23.21 -11.15 -19.82
C LEU B 214 24.28 -10.71 -20.83
N SER B 215 25.43 -11.38 -20.83
CA SER B 215 26.47 -11.05 -21.81
C SER B 215 26.87 -12.30 -22.60
N LEU B 216 26.64 -12.26 -23.91
CA LEU B 216 26.73 -13.46 -24.71
C LEU B 216 28.08 -14.19 -24.68
N PRO B 217 29.19 -13.44 -24.76
CA PRO B 217 30.47 -14.16 -24.70
C PRO B 217 30.64 -14.99 -23.42
N SER B 218 30.00 -14.62 -22.32
CA SER B 218 30.12 -15.40 -21.09
C SER B 218 29.33 -16.68 -21.13
N ARG B 219 28.28 -16.72 -21.96
CA ARG B 219 27.28 -17.79 -21.87
C ARG B 219 27.81 -19.18 -22.19
N SER B 220 28.85 -19.25 -23.00
CA SER B 220 29.42 -20.53 -23.35
C SER B 220 30.37 -21.04 -22.26
N LEU B 221 30.49 -20.27 -21.18
CA LEU B 221 31.46 -20.61 -20.14
C LEU B 221 30.84 -21.20 -18.89
N PHE B 222 29.53 -21.28 -18.84
CA PHE B 222 28.87 -21.89 -17.69
C PHE B 222 27.51 -22.43 -18.07
N HIS B 223 26.91 -23.20 -17.18
CA HIS B 223 25.66 -23.86 -17.48
C HIS B 223 24.53 -23.52 -16.51
N ARG B 224 24.89 -23.08 -15.32
CA ARG B 224 23.92 -22.76 -14.28
C ARG B 224 24.42 -21.61 -13.41
N ALA B 225 23.50 -20.93 -12.71
CA ALA B 225 23.86 -19.76 -11.93
C ALA B 225 23.11 -19.66 -10.62
N VAL B 226 23.79 -19.12 -9.61
CA VAL B 226 23.21 -18.86 -8.31
C VAL B 226 23.45 -17.39 -7.96
N LEU B 227 22.39 -16.66 -7.66
CA LEU B 227 22.53 -15.27 -7.28
C LEU B 227 22.01 -15.12 -5.87
N GLN B 228 22.93 -14.88 -4.95
CA GLN B 228 22.61 -14.72 -3.53
C GLN B 228 22.63 -13.24 -3.16
N SER B 229 21.44 -12.67 -2.92
CA SER B 229 21.31 -11.31 -2.41
C SER B 229 21.89 -10.24 -3.33
N GLY B 230 21.66 -10.36 -4.63
CA GLY B 230 22.18 -9.42 -5.59
C GLY B 230 21.73 -9.75 -7.00
N THR B 231 21.57 -8.72 -7.82
CA THR B 231 21.07 -8.88 -9.16
C THR B 231 21.75 -7.89 -10.10
N PRO B 232 21.77 -8.18 -11.40
CA PRO B 232 22.35 -7.20 -12.32
C PRO B 232 21.44 -5.99 -12.39
N ASN B 233 20.14 -6.22 -12.33
CA ASN B 233 19.17 -5.12 -12.40
C ASN B 233 19.14 -4.38 -11.08
N GLY B 234 18.38 -3.29 -11.01
CA GLY B 234 18.27 -2.58 -9.75
C GLY B 234 19.15 -1.35 -9.67
N PRO B 235 19.08 -0.64 -8.52
CA PRO B 235 19.55 0.74 -8.42
C PRO B 235 21.06 0.91 -8.28
N TRP B 236 21.79 -0.12 -7.82
CA TRP B 236 23.20 0.05 -7.49
C TRP B 236 24.21 -0.68 -8.40
N ALA B 237 23.78 -1.69 -9.12
CA ALA B 237 24.74 -2.59 -9.79
C ALA B 237 25.36 -2.04 -11.08
N THR B 238 24.65 -1.13 -11.75
CA THR B 238 25.15 -0.54 -12.99
C THR B 238 25.08 0.99 -12.97
N VAL B 239 25.75 1.62 -13.92
CA VAL B 239 25.58 3.05 -14.17
C VAL B 239 25.61 3.30 -15.66
N SER B 240 25.03 4.41 -16.08
CA SER B 240 25.02 4.77 -17.48
C SER B 240 26.41 5.26 -17.87
N ALA B 241 26.68 5.30 -19.17
CA ALA B 241 27.95 5.81 -19.68
C ALA B 241 28.16 7.22 -19.16
N GLY B 242 27.14 8.06 -19.29
CA GLY B 242 27.23 9.45 -18.88
C GLY B 242 27.68 9.61 -17.45
N GLU B 243 27.08 8.83 -16.56
CA GLU B 243 27.37 8.93 -15.13
C GLU B 243 28.76 8.39 -14.81
N ALA B 244 29.19 7.36 -15.53
CA ALA B 244 30.53 6.80 -15.34
C ALA B 244 31.57 7.79 -15.85
N ARG B 245 31.38 8.30 -17.06
CA ARG B 245 32.26 9.32 -17.58
C ARG B 245 32.37 10.49 -16.61
N ARG B 246 31.27 10.77 -15.93
CA ARG B 246 31.21 11.92 -15.04
C ARG B 246 32.00 11.65 -13.76
N ARG B 247 31.83 10.45 -13.21
CA ARG B 247 32.56 10.07 -12.00
C ARG B 247 34.07 9.93 -12.26
N ALA B 248 34.44 9.47 -13.45
CA ALA B 248 35.85 9.31 -13.80
C ALA B 248 36.49 10.68 -13.85
N THR B 249 35.87 11.57 -14.60
CA THR B 249 36.33 12.94 -14.75
C THR B 249 36.42 13.68 -13.42
N LEU B 250 35.43 13.50 -12.55
CA LEU B 250 35.48 14.12 -11.23
C LEU B 250 36.62 13.55 -10.41
N LEU B 251 36.87 12.25 -10.56
CA LEU B 251 37.96 11.64 -9.81
C LEU B 251 39.31 12.13 -10.33
N ALA B 252 39.44 12.25 -11.65
CA ALA B 252 40.67 12.78 -12.23
C ALA B 252 40.95 14.17 -11.66
N ARG B 253 39.99 15.07 -11.80
CA ARG B 253 40.09 16.39 -11.21
C ARG B 253 40.55 16.32 -9.75
N LEU B 254 39.90 15.47 -8.96
CA LEU B 254 40.23 15.39 -7.53
C LEU B 254 41.69 15.01 -7.26
N VAL B 255 42.33 14.37 -8.23
CA VAL B 255 43.73 13.96 -8.06
C VAL B 255 44.71 14.72 -8.95
N GLY B 256 44.21 15.73 -9.67
CA GLY B 256 45.07 16.59 -10.46
C GLY B 256 45.19 16.27 -11.94
N CYS B 257 44.21 15.57 -12.50
CA CYS B 257 44.30 15.20 -13.92
C CYS B 257 43.16 15.81 -14.76
N ASN B 265 41.03 15.58 -23.92
CA ASN B 265 40.92 14.23 -24.48
C ASN B 265 41.03 13.13 -23.42
N ASP B 266 40.48 11.96 -23.74
CA ASP B 266 40.49 10.83 -22.81
C ASP B 266 41.91 10.31 -22.58
N THR B 267 42.68 10.18 -23.66
CA THR B 267 44.02 9.60 -23.60
C THR B 267 44.94 10.29 -22.59
N GLU B 268 44.94 11.61 -22.61
CA GLU B 268 45.76 12.35 -21.67
C GLU B 268 45.25 12.18 -20.25
N LEU B 269 43.93 12.15 -20.10
CA LEU B 269 43.34 12.07 -18.77
C LEU B 269 43.70 10.73 -18.13
N ILE B 270 43.65 9.68 -18.94
CA ILE B 270 43.92 8.33 -18.44
C ILE B 270 45.40 8.09 -18.21
N ALA B 271 46.23 8.64 -19.09
CA ALA B 271 47.67 8.55 -18.91
C ALA B 271 48.08 9.15 -17.57
N CYS B 272 47.51 10.32 -17.25
CA CYS B 272 47.85 10.96 -15.97
C CYS B 272 47.35 10.13 -14.79
N LEU B 273 46.14 9.58 -14.93
CA LEU B 273 45.60 8.70 -13.88
C LEU B 273 46.51 7.50 -13.67
N ARG B 274 47.11 7.01 -14.75
CA ARG B 274 47.99 5.87 -14.62
C ARG B 274 49.28 6.16 -13.83
N THR B 275 49.63 7.43 -13.69
CA THR B 275 50.85 7.80 -12.96
C THR B 275 50.65 7.84 -11.46
N ARG B 276 49.43 7.70 -11.01
CA ARG B 276 49.16 7.91 -9.59
C ARG B 276 49.23 6.65 -8.74
N PRO B 277 49.91 6.74 -7.58
CA PRO B 277 49.92 5.59 -6.67
C PRO B 277 48.49 5.12 -6.39
N ALA B 278 48.30 3.81 -6.32
CA ALA B 278 46.95 3.27 -6.12
C ALA B 278 46.18 4.01 -5.04
N GLN B 279 46.79 4.21 -3.87
CA GLN B 279 46.08 4.78 -2.73
C GLN B 279 45.57 6.20 -2.97
N ASP B 280 46.13 6.89 -3.96
CA ASP B 280 45.67 8.23 -4.30
C ASP B 280 44.27 8.18 -4.92
N LEU B 281 44.08 7.22 -5.82
CA LEU B 281 42.78 6.94 -6.42
C LEU B 281 41.77 6.53 -5.34
N VAL B 282 42.17 5.61 -4.48
CA VAL B 282 41.31 5.12 -3.43
C VAL B 282 40.94 6.22 -2.42
N ASP B 283 41.84 7.17 -2.21
CA ASP B 283 41.61 8.29 -1.30
C ASP B 283 40.38 9.10 -1.68
N HIS B 284 40.06 9.14 -2.97
CA HIS B 284 38.99 10.01 -3.45
C HIS B 284 37.80 9.28 -4.06
N GLU B 285 37.82 7.95 -4.02
CA GLU B 285 36.80 7.22 -4.75
C GLU B 285 35.40 7.43 -4.17
N TRP B 286 35.32 7.65 -2.86
CA TRP B 286 34.02 7.92 -2.23
C TRP B 286 33.50 9.33 -2.47
N HIS B 287 34.34 10.18 -3.05
CA HIS B 287 33.98 11.58 -3.21
C HIS B 287 33.28 11.88 -4.53
N VAL B 288 32.86 10.84 -5.26
CA VAL B 288 32.24 11.09 -6.56
C VAL B 288 30.75 10.76 -6.69
N LEU B 289 30.13 10.23 -5.63
CA LEU B 289 28.70 9.93 -5.67
C LEU B 289 27.86 11.21 -5.78
N PRO B 290 26.80 11.17 -6.60
CA PRO B 290 25.98 12.38 -6.80
C PRO B 290 25.22 12.79 -5.52
N GLN B 291 24.87 11.83 -4.67
CA GLN B 291 24.10 12.13 -3.47
C GLN B 291 24.66 11.44 -2.25
N GLU B 292 24.37 12.01 -1.07
CA GLU B 292 24.62 11.33 0.19
C GLU B 292 23.80 10.06 0.13
N SER B 293 24.41 8.93 0.44
CA SER B 293 23.69 7.67 0.28
C SER B 293 24.26 6.51 1.07
N ILE B 294 23.51 5.43 1.09
CA ILE B 294 24.02 4.12 1.48
C ILE B 294 23.66 3.15 0.36
N PHE B 295 24.29 1.98 0.35
CA PHE B 295 24.07 0.96 -0.69
C PHE B 295 24.19 1.57 -2.09
N ARG B 296 25.19 2.43 -2.24
CA ARG B 296 25.53 3.00 -3.53
C ARG B 296 27.06 3.04 -3.63
N PHE B 297 27.60 2.84 -4.82
CA PHE B 297 29.04 2.60 -5.01
C PHE B 297 29.56 3.36 -6.22
N SER B 298 30.76 3.92 -6.09
CA SER B 298 31.28 4.86 -7.07
C SER B 298 31.66 4.25 -8.42
N PHE B 299 32.30 3.10 -8.41
CA PHE B 299 32.75 2.50 -9.67
C PHE B 299 32.26 1.07 -9.83
N VAL B 300 31.30 0.92 -10.72
CA VAL B 300 30.57 -0.32 -10.88
C VAL B 300 30.49 -0.58 -12.37
N PRO B 301 30.00 -1.77 -12.75
CA PRO B 301 29.81 -2.05 -14.18
C PRO B 301 29.02 -0.93 -14.87
N VAL B 302 29.32 -0.71 -16.15
CA VAL B 302 28.75 0.40 -16.91
C VAL B 302 27.99 -0.11 -18.12
N VAL B 303 26.85 0.51 -18.43
CA VAL B 303 26.13 0.12 -19.63
C VAL B 303 26.89 0.71 -20.81
N ASP B 304 27.67 -0.15 -21.47
CA ASP B 304 28.64 0.29 -22.46
C ASP B 304 28.19 0.01 -23.89
N GLY B 305 27.14 -0.79 -24.04
CA GLY B 305 26.71 -1.26 -25.34
C GLY B 305 27.64 -2.35 -25.84
N ASP B 306 28.50 -2.84 -24.95
CA ASP B 306 29.45 -3.89 -25.31
C ASP B 306 29.29 -5.13 -24.43
N PHE B 307 29.94 -5.13 -23.27
CA PHE B 307 29.69 -6.20 -22.31
C PHE B 307 28.19 -6.24 -22.02
N LEU B 308 27.62 -5.10 -21.69
CA LEU B 308 26.18 -4.95 -21.54
C LEU B 308 25.64 -4.17 -22.73
N SER B 309 25.02 -4.87 -23.67
CA SER B 309 24.48 -4.24 -24.89
C SER B 309 23.37 -3.22 -24.61
N ASP B 310 22.64 -3.41 -23.52
CA ASP B 310 21.60 -2.49 -23.07
C ASP B 310 21.60 -2.55 -21.54
N THR B 311 20.67 -1.84 -20.91
CA THR B 311 20.54 -1.92 -19.45
C THR B 311 20.12 -3.33 -19.05
N PRO B 312 20.46 -3.74 -17.82
CA PRO B 312 20.03 -5.06 -17.36
C PRO B 312 18.53 -5.21 -17.41
N GLU B 313 17.78 -4.17 -17.03
CA GLU B 313 16.32 -4.26 -17.11
C GLU B 313 15.87 -4.52 -18.55
N ALA B 314 16.36 -3.73 -19.50
CA ALA B 314 16.07 -4.00 -20.90
C ALA B 314 16.38 -5.46 -21.23
N LEU B 315 17.59 -5.90 -20.87
CA LEU B 315 18.08 -7.22 -21.28
C LEU B 315 17.34 -8.40 -20.65
N ILE B 316 16.92 -8.26 -19.39
CA ILE B 316 16.16 -9.34 -18.75
C ILE B 316 14.74 -9.34 -19.30
N ASN B 317 14.20 -8.15 -19.59
CA ASN B 317 12.86 -8.01 -20.17
C ASN B 317 12.72 -8.70 -21.51
N THR B 318 13.81 -8.82 -22.25
CA THR B 318 13.72 -9.24 -23.64
C THR B 318 14.45 -10.54 -23.95
N GLY B 319 15.30 -10.98 -23.02
CA GLY B 319 16.15 -12.14 -23.27
C GLY B 319 15.38 -13.45 -23.41
N ASP B 320 16.06 -14.46 -23.93
CA ASP B 320 15.53 -15.82 -23.94
C ASP B 320 16.38 -16.72 -23.03
N PHE B 321 15.75 -17.25 -21.98
CA PHE B 321 16.50 -17.96 -20.96
C PHE B 321 16.09 -19.42 -20.87
N GLN B 322 15.69 -19.96 -22.03
CA GLN B 322 15.15 -21.30 -22.12
C GLN B 322 16.04 -22.39 -21.51
N ASP B 323 17.32 -22.40 -21.86
CA ASP B 323 18.18 -23.51 -21.42
C ASP B 323 18.94 -23.19 -20.14
N LEU B 324 18.34 -22.36 -19.29
CA LEU B 324 19.02 -21.85 -18.11
C LEU B 324 18.34 -22.31 -16.82
N GLN B 325 19.13 -22.70 -15.82
CA GLN B 325 18.60 -22.92 -14.48
C GLN B 325 19.22 -21.95 -13.50
N VAL B 326 18.39 -21.31 -12.67
CA VAL B 326 18.88 -20.31 -11.75
C VAL B 326 18.34 -20.50 -10.36
N LEU B 327 19.22 -20.37 -9.37
CA LEU B 327 18.83 -20.35 -7.96
C LEU B 327 19.08 -18.95 -7.42
N VAL B 328 18.08 -18.36 -6.79
CA VAL B 328 18.17 -16.99 -6.32
C VAL B 328 17.52 -16.85 -4.96
N GLY B 329 18.02 -15.94 -4.14
CA GLY B 329 17.50 -15.77 -2.81
C GLY B 329 17.97 -14.53 -2.08
N VAL B 330 17.41 -14.31 -0.89
CA VAL B 330 17.70 -13.14 -0.10
C VAL B 330 17.78 -13.61 1.34
N VAL B 331 18.31 -12.76 2.21
CA VAL B 331 18.30 -13.03 3.64
C VAL B 331 17.17 -12.21 4.26
N LYS B 332 16.83 -12.55 5.50
CA LYS B 332 15.67 -11.96 6.14
C LYS B 332 15.80 -10.45 6.37
N ASP B 333 17.01 -9.94 6.53
CA ASP B 333 17.16 -8.53 6.85
C ASP B 333 18.22 -7.83 5.99
N GLU B 334 17.99 -7.81 4.68
CA GLU B 334 18.97 -7.30 3.72
C GLU B 334 19.50 -5.91 4.06
N GLY B 335 18.64 -5.06 4.60
CA GLY B 335 18.98 -3.65 4.77
C GLY B 335 19.69 -3.23 6.04
N SER B 336 19.62 -4.05 7.09
CA SER B 336 20.07 -3.62 8.41
C SER B 336 21.54 -3.16 8.43
N TYR B 337 22.42 -4.03 7.94
CA TYR B 337 23.85 -3.76 7.76
C TYR B 337 24.19 -2.34 7.31
N PHE B 338 23.49 -1.85 6.30
CA PHE B 338 23.86 -0.62 5.61
C PHE B 338 23.48 0.65 6.35
N LEU B 339 22.55 0.53 7.29
CA LEU B 339 22.02 1.71 7.96
C LEU B 339 23.13 2.39 8.79
N VAL B 340 23.96 1.58 9.44
CA VAL B 340 25.04 2.11 10.27
C VAL B 340 26.16 2.80 9.46
N TYR B 341 26.05 2.75 8.14
CA TYR B 341 27.05 3.40 7.28
C TYR B 341 26.64 4.77 6.78
N GLY B 342 25.80 5.47 7.55
CA GLY B 342 25.47 6.83 7.18
C GLY B 342 24.05 7.31 7.42
N VAL B 343 23.22 6.46 8.02
CA VAL B 343 21.89 6.89 8.41
C VAL B 343 21.91 7.29 9.89
N PRO B 344 21.73 8.59 10.15
CA PRO B 344 21.74 9.10 11.52
C PRO B 344 20.75 8.36 12.41
N GLY B 345 21.20 7.92 13.58
CA GLY B 345 20.36 7.21 14.52
C GLY B 345 20.74 5.74 14.62
N PHE B 346 21.56 5.27 13.68
CA PHE B 346 21.88 3.86 13.64
C PHE B 346 23.31 3.56 14.08
N SER B 347 23.46 2.49 14.85
CA SER B 347 24.75 2.12 15.40
C SER B 347 24.70 0.64 15.77
N LYS B 348 25.81 -0.06 15.60
CA LYS B 348 25.86 -1.44 16.04
C LYS B 348 25.84 -1.50 17.56
N ASP B 349 26.07 -0.35 18.18
CA ASP B 349 26.33 -0.31 19.62
C ASP B 349 25.11 -0.01 20.50
N ASN B 350 24.04 0.51 19.89
CA ASN B 350 22.75 0.60 20.57
C ASN B 350 21.60 0.07 19.72
N GLU B 351 20.38 0.11 20.25
CA GLU B 351 19.22 -0.46 19.55
C GLU B 351 18.67 0.42 18.43
N SER B 352 19.30 1.57 18.22
CA SER B 352 18.96 2.43 17.10
C SER B 352 17.46 2.60 16.94
N LEU B 353 16.75 2.85 18.04
CA LEU B 353 15.35 3.23 17.97
C LEU B 353 15.29 4.66 17.44
N ILE B 354 14.66 4.85 16.30
CA ILE B 354 14.71 6.14 15.65
C ILE B 354 13.38 6.89 15.77
N SER B 355 13.42 8.17 15.47
CA SER B 355 12.24 9.00 15.49
C SER B 355 11.64 9.07 14.10
N ARG B 356 10.44 9.62 14.01
CA ARG B 356 9.78 9.77 12.73
C ARG B 356 10.56 10.74 11.83
N ALA B 357 11.17 11.76 12.44
CA ALA B 357 11.93 12.74 11.69
C ALA B 357 13.16 12.08 11.10
N GLN B 358 13.81 11.28 11.93
CA GLN B 358 14.98 10.50 11.53
C GLN B 358 14.64 9.54 10.38
N PHE B 359 13.43 9.00 10.40
CA PHE B 359 12.98 8.05 9.39
C PHE B 359 12.81 8.70 8.02
N LEU B 360 12.19 9.87 7.96
CA LEU B 360 12.06 10.59 6.69
C LEU B 360 13.43 11.03 6.19
N ALA B 361 14.32 11.33 7.13
CA ALA B 361 15.70 11.69 6.79
C ALA B 361 16.40 10.46 6.24
N GLY B 362 16.35 9.38 7.00
CA GLY B 362 16.92 8.11 6.59
C GLY B 362 16.51 7.75 5.16
N VAL B 363 15.25 8.00 4.83
CA VAL B 363 14.70 7.58 3.54
C VAL B 363 15.33 8.29 2.33
N ARG B 364 15.60 9.59 2.45
CA ARG B 364 16.24 10.32 1.35
C ARG B 364 17.64 9.79 1.10
N ILE B 365 18.23 9.19 2.13
CA ILE B 365 19.58 8.66 2.03
C ILE B 365 19.57 7.25 1.45
N GLY B 366 18.58 6.45 1.86
CA GLY B 366 18.42 5.09 1.39
C GLY B 366 17.84 5.02 -0.01
N VAL B 367 17.22 6.12 -0.45
CA VAL B 367 16.63 6.21 -1.78
C VAL B 367 17.03 7.53 -2.41
N PRO B 368 18.34 7.70 -2.63
CA PRO B 368 19.00 8.97 -2.98
C PRO B 368 18.51 9.55 -4.29
N GLN B 369 17.93 8.71 -5.15
CA GLN B 369 17.46 9.15 -6.44
C GLN B 369 16.02 9.66 -6.37
N ALA B 370 15.39 9.49 -5.21
CA ALA B 370 13.97 9.79 -5.04
C ALA B 370 13.67 11.28 -5.00
N SER B 371 12.73 11.71 -5.83
CA SER B 371 12.13 13.03 -5.71
C SER B 371 11.39 13.16 -4.38
N ASP B 372 11.00 14.37 -4.02
CA ASP B 372 10.32 14.60 -2.74
C ASP B 372 9.07 13.74 -2.67
N LEU B 373 8.35 13.68 -3.79
CA LEU B 373 7.08 12.98 -3.84
C LEU B 373 7.26 11.47 -3.73
N ALA B 374 8.25 10.95 -4.46
CA ALA B 374 8.60 9.53 -4.39
C ALA B 374 9.04 9.12 -2.99
N ALA B 375 9.85 9.97 -2.35
CA ALA B 375 10.32 9.70 -1.01
C ALA B 375 9.12 9.66 -0.08
N GLU B 376 8.19 10.58 -0.30
CA GLU B 376 6.97 10.63 0.49
C GLU B 376 6.15 9.35 0.32
N ALA B 377 5.94 8.96 -0.93
CA ALA B 377 5.34 7.66 -1.21
C ALA B 377 5.98 6.57 -0.37
N VAL B 378 7.31 6.55 -0.30
CA VAL B 378 7.99 5.48 0.42
C VAL B 378 7.64 5.53 1.89
N VAL B 379 7.71 6.72 2.47
CA VAL B 379 7.39 6.88 3.88
C VAL B 379 5.97 6.44 4.21
N LEU B 380 5.01 6.90 3.43
CA LEU B 380 3.61 6.57 3.69
C LEU B 380 3.36 5.07 3.54
N HIS B 381 4.04 4.43 2.60
CA HIS B 381 3.89 3.00 2.36
C HIS B 381 4.45 2.17 3.51
N TYR B 382 5.57 2.64 4.07
CA TYR B 382 6.29 1.90 5.10
C TYR B 382 5.92 2.27 6.52
N THR B 383 5.28 3.42 6.69
CA THR B 383 4.78 3.78 8.01
C THR B 383 3.68 2.82 8.39
N ASP B 384 3.77 2.28 9.61
CA ASP B 384 2.67 1.50 10.16
C ASP B 384 1.69 2.48 10.83
N TRP B 385 0.53 2.66 10.22
CA TRP B 385 -0.37 3.73 10.65
C TRP B 385 -1.12 3.45 11.95
N LEU B 386 -1.10 2.19 12.39
CA LEU B 386 -1.53 1.87 13.74
C LEU B 386 -0.52 2.38 14.78
N HIS B 387 0.76 2.36 14.41
CA HIS B 387 1.84 2.82 15.28
C HIS B 387 2.84 3.75 14.54
N PRO B 388 2.34 4.89 14.06
CA PRO B 388 3.13 5.79 13.19
C PRO B 388 4.41 6.37 13.81
N GLU B 389 4.53 6.40 15.13
CA GLU B 389 5.66 7.06 15.78
C GLU B 389 6.51 6.10 16.59
N ASP B 390 6.07 4.84 16.68
CA ASP B 390 6.83 3.85 17.41
C ASP B 390 8.22 3.63 16.80
N PRO B 391 9.28 3.88 17.58
CA PRO B 391 10.67 3.84 17.13
C PRO B 391 11.16 2.44 16.71
N THR B 392 10.67 1.37 17.34
CA THR B 392 11.03 0.02 16.92
C THR B 392 10.51 -0.25 15.50
N HIS B 393 9.24 0.07 15.26
CA HIS B 393 8.66 -0.10 13.94
C HIS B 393 9.43 0.73 12.94
N LEU B 394 9.65 1.99 13.29
CA LEU B 394 10.32 2.93 12.41
C LEU B 394 11.73 2.47 12.03
N ARG B 395 12.40 1.83 12.97
CA ARG B 395 13.76 1.35 12.76
C ARG B 395 13.72 0.14 11.81
N ASP B 396 12.81 -0.78 12.09
CA ASP B 396 12.64 -1.96 11.25
C ASP B 396 12.19 -1.58 9.84
N ALA B 397 11.43 -0.50 9.72
CA ALA B 397 10.95 -0.06 8.41
C ALA B 397 12.09 0.53 7.59
N MET B 398 12.94 1.32 8.24
CA MET B 398 14.10 1.90 7.58
C MET B 398 14.94 0.76 6.97
N SER B 399 15.14 -0.30 7.74
CA SER B 399 15.88 -1.48 7.29
C SER B 399 15.17 -2.13 6.10
N ALA B 400 13.84 -2.22 6.17
CA ALA B 400 13.05 -2.83 5.10
C ALA B 400 13.07 -2.01 3.81
N VAL B 401 12.97 -0.68 3.93
CA VAL B 401 13.08 0.18 2.76
C VAL B 401 14.36 -0.15 2.00
N VAL B 402 15.49 -0.05 2.70
CA VAL B 402 16.79 -0.21 2.09
C VAL B 402 16.96 -1.58 1.45
N GLY B 403 16.60 -2.63 2.20
CA GLY B 403 16.69 -4.00 1.71
C GLY B 403 15.74 -4.35 0.58
N ASP B 404 14.51 -3.83 0.66
CA ASP B 404 13.52 -4.06 -0.38
C ASP B 404 13.97 -3.38 -1.66
N HIS B 405 14.29 -2.10 -1.54
CA HIS B 405 14.72 -1.28 -2.66
C HIS B 405 15.96 -1.87 -3.36
N ASN B 406 16.92 -2.36 -2.58
CA ASN B 406 18.20 -2.72 -3.16
C ASN B 406 18.37 -4.18 -3.52
N VAL B 407 17.69 -5.06 -2.79
CA VAL B 407 17.87 -6.49 -3.00
C VAL B 407 16.57 -7.25 -3.28
N VAL B 408 15.65 -7.26 -2.32
CA VAL B 408 14.47 -8.12 -2.41
C VAL B 408 13.64 -7.89 -3.66
N CYS B 409 13.27 -6.65 -3.92
CA CYS B 409 12.42 -6.38 -5.05
C CYS B 409 13.14 -6.55 -6.41
N PRO B 410 14.39 -6.03 -6.51
CA PRO B 410 15.19 -6.36 -7.70
C PRO B 410 15.32 -7.87 -7.95
N VAL B 411 15.39 -8.66 -6.88
CA VAL B 411 15.40 -10.13 -7.00
C VAL B 411 14.05 -10.69 -7.45
N ALA B 412 12.96 -10.20 -6.85
CA ALA B 412 11.61 -10.67 -7.20
C ALA B 412 11.38 -10.42 -8.68
N GLN B 413 11.82 -9.26 -9.13
CA GLN B 413 11.69 -8.89 -10.54
C GLN B 413 12.52 -9.78 -11.47
N LEU B 414 13.81 -9.96 -11.16
CA LEU B 414 14.64 -10.88 -11.92
C LEU B 414 14.02 -12.29 -11.99
N ALA B 415 13.66 -12.82 -10.83
CA ALA B 415 13.04 -14.14 -10.74
C ALA B 415 11.86 -14.25 -11.68
N GLY B 416 11.00 -13.23 -11.67
CA GLY B 416 9.78 -13.26 -12.45
C GLY B 416 10.07 -13.23 -13.95
N ARG B 417 10.95 -12.33 -14.35
CA ARG B 417 11.31 -12.21 -15.75
C ARG B 417 12.00 -13.47 -16.24
N LEU B 418 12.86 -14.06 -15.41
CA LEU B 418 13.55 -15.31 -15.78
C LEU B 418 12.55 -16.47 -15.94
N ALA B 419 11.62 -16.61 -15.00
CA ALA B 419 10.66 -17.69 -15.08
C ALA B 419 9.77 -17.53 -16.31
N ALA B 420 9.44 -16.28 -16.64
CA ALA B 420 8.54 -15.98 -17.75
C ALA B 420 9.20 -16.17 -19.11
N GLN B 421 10.48 -15.80 -19.21
CA GLN B 421 11.27 -15.98 -20.42
C GLN B 421 11.87 -17.38 -20.53
N GLY B 422 11.27 -18.36 -19.83
CA GLY B 422 11.65 -19.75 -20.02
C GLY B 422 12.70 -20.37 -19.11
N ALA B 423 13.31 -19.58 -18.22
CA ALA B 423 14.31 -20.15 -17.32
C ALA B 423 13.66 -21.03 -16.24
N ARG B 424 14.44 -21.99 -15.75
CA ARG B 424 14.05 -22.78 -14.58
C ARG B 424 14.62 -22.08 -13.35
N VAL B 425 13.73 -21.63 -12.46
CA VAL B 425 14.12 -20.76 -11.37
C VAL B 425 13.77 -21.36 -10.01
N TYR B 426 14.70 -21.28 -9.06
CA TYR B 426 14.41 -21.65 -7.68
C TYR B 426 14.72 -20.48 -6.75
N ALA B 427 13.80 -20.19 -5.84
CA ALA B 427 13.98 -19.04 -4.96
C ALA B 427 13.89 -19.43 -3.51
N TYR B 428 14.57 -18.66 -2.67
CA TYR B 428 14.58 -18.91 -1.24
C TYR B 428 14.65 -17.60 -0.47
N ILE B 429 14.37 -17.70 0.82
CA ILE B 429 14.72 -16.66 1.76
C ILE B 429 15.43 -17.37 2.91
N PHE B 430 16.58 -16.83 3.29
CA PHE B 430 17.40 -17.45 4.31
C PHE B 430 17.11 -16.73 5.64
N GLU B 431 16.73 -17.50 6.66
CA GLU B 431 16.17 -16.88 7.87
C GLU B 431 16.87 -17.22 9.18
N HIS B 432 17.95 -18.01 9.12
CA HIS B 432 18.68 -18.34 10.33
C HIS B 432 19.78 -17.35 10.68
N ARG B 433 19.70 -16.73 11.86
CA ARG B 433 20.76 -15.85 12.36
C ARG B 433 21.83 -16.66 13.09
N ALA B 434 23.05 -16.61 12.59
CA ALA B 434 24.17 -17.37 13.17
C ALA B 434 24.29 -17.12 14.68
N SER B 435 24.45 -18.21 15.42
CA SER B 435 24.65 -18.14 16.86
C SER B 435 25.89 -17.32 17.18
N THR B 436 26.90 -17.45 16.32
CA THR B 436 28.19 -16.76 16.50
C THR B 436 28.23 -15.32 16.03
N LEU B 437 27.09 -14.75 15.63
CA LEU B 437 27.07 -13.41 15.03
C LEU B 437 27.49 -12.33 16.02
N THR B 438 28.23 -11.34 15.53
CA THR B 438 28.78 -10.29 16.39
C THR B 438 28.05 -8.96 16.25
N TRP B 439 27.19 -8.84 15.24
CA TRP B 439 26.34 -7.66 15.08
C TRP B 439 25.16 -7.76 16.04
N PRO B 440 24.58 -6.62 16.43
CA PRO B 440 23.49 -6.63 17.42
C PRO B 440 22.23 -7.38 16.94
N LEU B 441 21.35 -7.70 17.88
CA LEU B 441 20.14 -8.44 17.55
C LEU B 441 19.21 -7.69 16.59
N TRP B 442 19.15 -6.37 16.72
CA TRP B 442 18.20 -5.60 15.93
C TRP B 442 18.42 -5.69 14.42
N MET B 443 19.63 -6.08 14.00
CA MET B 443 19.94 -6.19 12.58
C MET B 443 19.46 -7.52 12.01
N GLY B 444 19.05 -8.43 12.91
CA GLY B 444 18.47 -9.70 12.54
C GLY B 444 19.40 -10.67 11.85
N VAL B 445 19.03 -11.06 10.63
CA VAL B 445 19.86 -11.88 9.77
C VAL B 445 20.39 -10.98 8.68
N PRO B 446 21.60 -10.43 8.87
CA PRO B 446 22.05 -9.36 7.97
C PRO B 446 22.59 -9.86 6.66
N HIS B 447 22.66 -8.94 5.71
CA HIS B 447 23.24 -9.18 4.40
C HIS B 447 24.61 -9.83 4.52
N GLY B 448 24.79 -10.98 3.87
CA GLY B 448 26.09 -11.62 3.80
C GLY B 448 26.25 -12.79 4.75
N TYR B 449 25.32 -12.97 5.67
CA TYR B 449 25.50 -14.00 6.72
C TYR B 449 24.86 -15.37 6.46
N GLU B 450 24.52 -15.63 5.20
CA GLU B 450 24.20 -16.98 4.77
C GLU B 450 25.45 -17.66 4.21
N ILE B 451 26.43 -16.86 3.79
CA ILE B 451 27.60 -17.42 3.13
C ILE B 451 28.36 -18.48 3.92
N GLU B 452 28.65 -18.17 5.18
CA GLU B 452 29.39 -19.10 6.04
C GLU B 452 28.68 -20.45 6.17
N PHE B 453 27.35 -20.46 6.04
CA PHE B 453 26.60 -21.72 6.05
C PHE B 453 26.68 -22.51 4.74
N ILE B 454 26.50 -21.82 3.61
CA ILE B 454 26.64 -22.45 2.30
C ILE B 454 28.02 -23.05 2.12
N PHE B 455 29.05 -22.42 2.69
CA PHE B 455 30.43 -22.87 2.49
C PHE B 455 30.82 -23.96 3.49
N GLY B 456 30.01 -24.09 4.55
CA GLY B 456 30.16 -25.19 5.48
C GLY B 456 31.04 -24.94 6.69
N LEU B 457 31.30 -23.68 7.03
CA LEU B 457 32.18 -23.38 8.16
C LEU B 457 31.73 -24.01 9.48
N PRO B 458 30.41 -24.13 9.68
CA PRO B 458 29.97 -24.78 10.92
C PRO B 458 30.49 -26.21 11.08
N LEU B 459 30.88 -26.85 9.98
CA LEU B 459 31.50 -28.17 10.07
C LEU B 459 32.88 -28.13 10.75
N ASP B 460 33.37 -26.94 11.05
CA ASP B 460 34.65 -26.78 11.73
C ASP B 460 34.40 -26.50 13.20
N PRO B 461 34.72 -27.47 14.06
CA PRO B 461 34.36 -27.41 15.49
C PRO B 461 34.99 -26.23 16.22
N SER B 462 36.22 -25.88 15.86
CA SER B 462 36.90 -24.76 16.51
C SER B 462 36.13 -23.45 16.35
N LEU B 463 35.15 -23.45 15.46
CA LEU B 463 34.43 -22.22 15.14
C LEU B 463 33.27 -21.95 16.11
N ASN B 464 32.85 -22.98 16.83
CA ASN B 464 31.89 -22.84 17.93
C ASN B 464 30.43 -22.70 17.50
N TYR B 465 30.07 -23.21 16.32
CA TYR B 465 28.68 -23.28 15.91
C TYR B 465 27.98 -24.44 16.62
N THR B 466 26.66 -24.38 16.74
CA THR B 466 25.88 -25.44 17.38
C THR B 466 25.72 -26.64 16.45
N THR B 467 25.35 -27.78 17.02
CA THR B 467 25.11 -28.99 16.23
C THR B 467 23.96 -28.83 15.25
N GLU B 468 22.93 -28.08 15.65
CA GLU B 468 21.81 -27.79 14.77
C GLU B 468 22.34 -27.05 13.54
N GLU B 469 23.21 -26.08 13.79
CA GLU B 469 23.80 -25.28 12.72
C GLU B 469 24.66 -26.13 11.79
N ARG B 470 25.39 -27.07 12.37
CA ARG B 470 26.20 -27.97 11.58
C ARG B 470 25.30 -28.79 10.65
N ILE B 471 24.21 -29.33 11.19
CA ILE B 471 23.21 -30.04 10.39
C ILE B 471 22.57 -29.15 9.31
N PHE B 472 22.24 -27.91 9.67
CA PHE B 472 21.78 -26.89 8.75
C PHE B 472 22.76 -26.69 7.59
N ALA B 473 24.04 -26.41 7.91
CA ALA B 473 25.05 -26.21 6.87
C ALA B 473 25.11 -27.39 5.92
N GLN B 474 25.01 -28.61 6.44
CA GLN B 474 25.07 -29.79 5.59
C GLN B 474 23.88 -29.84 4.63
N ARG B 475 22.71 -29.42 5.10
CA ARG B 475 21.52 -29.37 4.26
C ARG B 475 21.76 -28.41 3.11
N LEU B 476 22.28 -27.23 3.44
CA LEU B 476 22.52 -26.17 2.45
C LEU B 476 23.59 -26.55 1.41
N MET B 477 24.68 -27.14 1.87
CA MET B 477 25.71 -27.63 0.96
C MET B 477 25.11 -28.62 -0.04
N LYS B 478 24.10 -29.35 0.39
CA LYS B 478 23.45 -30.34 -0.47
C LYS B 478 22.54 -29.70 -1.50
N TYR B 479 21.79 -28.67 -1.10
CA TYR B 479 20.91 -27.98 -2.04
C TYR B 479 21.78 -27.39 -3.14
N TRP B 480 22.79 -26.63 -2.74
CA TRP B 480 23.69 -25.95 -3.68
C TRP B 480 24.40 -26.91 -4.63
N THR B 481 24.97 -27.98 -4.10
CA THR B 481 25.72 -28.91 -4.94
C THR B 481 24.77 -29.75 -5.79
N ASN B 482 23.62 -30.12 -5.23
CA ASN B 482 22.62 -30.79 -6.04
C ASN B 482 22.19 -29.89 -7.17
N PHE B 483 22.00 -28.61 -6.86
CA PHE B 483 21.70 -27.66 -7.92
C PHE B 483 22.85 -27.63 -8.97
N ALA B 484 24.09 -27.63 -8.51
CA ALA B 484 25.23 -27.63 -9.44
C ALA B 484 25.20 -28.85 -10.35
N ARG B 485 24.96 -30.01 -9.75
CA ARG B 485 24.97 -31.29 -10.49
C ARG B 485 23.85 -31.38 -11.52
N THR B 486 22.66 -30.90 -11.16
CA THR B 486 21.45 -31.25 -11.91
C THR B 486 20.57 -30.06 -12.31
N GLY B 487 20.85 -28.89 -11.77
CA GLY B 487 19.98 -27.75 -11.98
C GLY B 487 18.78 -27.79 -11.06
N ASP B 488 18.77 -28.74 -10.13
CA ASP B 488 17.65 -28.95 -9.23
C ASP B 488 18.18 -29.18 -7.83
N PRO B 489 17.83 -28.30 -6.89
CA PRO B 489 18.39 -28.36 -5.52
C PRO B 489 17.86 -29.53 -4.71
N ASN B 490 16.81 -30.17 -5.18
CA ASN B 490 16.17 -31.24 -4.41
C ASN B 490 17.02 -32.50 -4.31
N ASP B 491 17.13 -33.02 -3.10
CA ASP B 491 17.83 -34.28 -2.88
C ASP B 491 17.08 -35.42 -3.59
N PRO B 492 17.75 -36.06 -4.58
CA PRO B 492 17.18 -37.16 -5.37
C PRO B 492 17.11 -38.44 -4.56
N ARG B 493 17.59 -38.35 -3.31
CA ARG B 493 17.49 -39.44 -2.35
C ARG B 493 16.57 -39.01 -1.20
N ASP B 494 15.57 -38.20 -1.52
CA ASP B 494 14.58 -37.82 -0.54
C ASP B 494 13.20 -37.71 -1.18
N PRO B 498 9.79 -31.42 2.81
CA PRO B 498 9.06 -31.60 1.54
C PRO B 498 9.95 -31.22 0.36
N GLN B 499 9.37 -30.98 -0.80
CA GLN B 499 10.15 -30.66 -1.98
C GLN B 499 10.18 -29.16 -2.30
N TRP B 500 11.30 -28.72 -2.84
CA TRP B 500 11.50 -27.34 -3.26
C TRP B 500 10.93 -27.12 -4.67
N PRO B 501 9.81 -26.41 -4.79
CA PRO B 501 9.21 -26.24 -6.12
C PRO B 501 9.88 -25.11 -6.88
N PRO B 502 9.88 -25.19 -8.22
CA PRO B 502 10.33 -24.07 -9.07
C PRO B 502 9.53 -22.81 -8.77
N TYR B 503 10.14 -21.65 -8.91
CA TYR B 503 9.44 -20.39 -8.80
C TYR B 503 8.81 -20.11 -10.17
N THR B 504 7.56 -19.69 -10.18
CA THR B 504 6.85 -19.40 -11.43
C THR B 504 6.12 -18.09 -11.26
N THR B 505 5.73 -17.45 -12.36
CA THR B 505 5.03 -16.18 -12.27
C THR B 505 3.62 -16.40 -11.73
N ALA B 506 3.03 -17.53 -12.11
CA ALA B 506 1.71 -17.92 -11.63
C ALA B 506 1.69 -18.13 -10.11
N ALA B 507 2.31 -19.22 -9.65
CA ALA B 507 2.24 -19.60 -8.23
C ALA B 507 3.22 -18.84 -7.32
N GLN B 508 4.34 -18.39 -7.87
CA GLN B 508 5.27 -17.55 -7.14
C GLN B 508 5.86 -18.20 -5.87
N GLN B 509 6.18 -19.47 -5.96
CA GLN B 509 6.63 -20.21 -4.79
C GLN B 509 8.13 -20.12 -4.49
N TYR B 510 8.46 -20.06 -3.20
CA TYR B 510 9.84 -20.07 -2.75
C TYR B 510 9.86 -20.74 -1.40
N VAL B 511 11.05 -21.06 -0.90
CA VAL B 511 11.16 -21.76 0.37
C VAL B 511 11.95 -20.96 1.42
N SER B 512 11.62 -21.19 2.70
CA SER B 512 12.39 -20.64 3.79
C SER B 512 13.54 -21.59 4.10
N LEU B 513 14.75 -21.04 4.22
CA LEU B 513 15.89 -21.82 4.65
C LEU B 513 16.14 -21.47 6.11
N ASN B 514 15.95 -22.44 6.98
CA ASN B 514 16.25 -22.26 8.40
C ASN B 514 16.37 -23.61 9.11
N LEU B 515 16.38 -23.59 10.43
CA LEU B 515 16.62 -24.82 11.19
C LEU B 515 15.48 -25.82 10.99
N LYS B 516 14.24 -25.32 10.94
CA LYS B 516 13.08 -26.16 10.66
C LYS B 516 13.17 -26.63 9.21
N PRO B 517 12.45 -27.72 8.88
CA PRO B 517 12.49 -28.25 7.52
C PRO B 517 11.89 -27.27 6.50
N LEU B 518 12.19 -27.47 5.23
CA LEU B 518 11.70 -26.61 4.17
C LEU B 518 10.22 -26.32 4.29
N GLU B 519 9.86 -25.05 4.13
CA GLU B 519 8.47 -24.65 4.10
C GLU B 519 8.25 -23.85 2.82
N VAL B 520 7.17 -24.14 2.10
CA VAL B 520 6.88 -23.41 0.88
C VAL B 520 5.99 -22.18 1.11
N ARG B 521 6.38 -21.04 0.56
CA ARG B 521 5.60 -19.81 0.66
C ARG B 521 5.32 -19.27 -0.74
N ARG B 522 4.39 -18.34 -0.84
CA ARG B 522 4.00 -17.81 -2.14
C ARG B 522 4.08 -16.30 -2.09
N GLY B 523 4.72 -15.72 -3.09
CA GLY B 523 4.79 -14.28 -3.21
C GLY B 523 5.93 -13.73 -2.39
N LEU B 524 6.93 -13.19 -3.08
CA LEU B 524 8.11 -12.64 -2.45
C LEU B 524 7.88 -11.14 -2.28
N ARG B 525 7.39 -10.74 -1.10
CA ARG B 525 6.96 -9.36 -0.89
C ARG B 525 6.11 -8.85 -2.05
N ALA B 526 5.13 -9.63 -2.46
CA ALA B 526 4.41 -9.30 -3.69
C ALA B 526 3.81 -7.89 -3.68
N GLN B 527 3.15 -7.50 -2.59
CA GLN B 527 2.48 -6.18 -2.56
C GLN B 527 3.50 -5.07 -2.56
N THR B 528 4.51 -5.20 -1.70
CA THR B 528 5.50 -4.15 -1.56
C THR B 528 6.43 -4.05 -2.77
N CYS B 529 6.73 -5.19 -3.39
CA CYS B 529 7.56 -5.17 -4.60
C CYS B 529 6.78 -4.67 -5.83
N ALA B 530 5.45 -4.77 -5.78
CA ALA B 530 4.62 -4.10 -6.78
C ALA B 530 4.78 -2.58 -6.70
N PHE B 531 4.85 -2.05 -5.48
CA PHE B 531 5.14 -0.64 -5.27
C PHE B 531 6.46 -0.22 -5.90
N TRP B 532 7.54 -0.93 -5.54
CA TRP B 532 8.88 -0.61 -6.06
C TRP B 532 9.02 -0.87 -7.55
N ASN B 533 8.55 -2.03 -7.99
CA ASN B 533 8.81 -2.48 -9.36
C ASN B 533 7.85 -1.92 -10.39
N ARG B 534 6.64 -1.56 -9.95
CA ARG B 534 5.61 -1.18 -10.89
C ARG B 534 5.21 0.28 -10.80
N PHE B 535 5.02 0.79 -9.58
CA PHE B 535 4.51 2.13 -9.42
C PHE B 535 5.62 3.16 -9.34
N LEU B 536 6.58 2.91 -8.47
CA LEU B 536 7.70 3.81 -8.26
C LEU B 536 8.35 4.38 -9.55
N PRO B 537 8.55 3.54 -10.58
CA PRO B 537 9.08 4.06 -11.84
C PRO B 537 8.16 5.06 -12.55
N LYS B 538 6.89 4.73 -12.73
CA LYS B 538 5.93 5.66 -13.33
C LYS B 538 6.00 7.00 -12.63
N LEU B 539 6.20 6.95 -11.33
CA LEU B 539 6.13 8.14 -10.49
C LEU B 539 7.32 9.04 -10.69
N LEU B 540 8.52 8.47 -10.61
CA LEU B 540 9.75 9.25 -10.71
C LEU B 540 9.84 10.00 -12.06
N SER B 541 9.25 9.42 -13.09
CA SER B 541 9.08 10.12 -14.37
C SER B 541 8.39 11.48 -14.17
N ALA B 542 7.12 11.44 -13.78
CA ALA B 542 6.34 12.66 -13.53
C ALA B 542 7.05 13.64 -12.60
#